data_4Z9G
#
_entry.id   4Z9G
#
_cell.length_a   189.359
_cell.length_b   189.359
_cell.length_c   88.575
_cell.angle_alpha   90.000
_cell.angle_beta   90.000
_cell.angle_gamma   120.000
#
_symmetry.space_group_name_H-M   'P 6'
#
loop_
_entity.id
_entity.type
_entity.pdbx_description
1 polymer 'Corticotropin-releasing factor receptor 1,Lysozyme,Corticotropin-releasing factor receptor 1'
2 non-polymer 'OLEIC ACID'
3 non-polymer 3,6-dimethyl-N-(pentan-3-yl)-2-(2,4,6-trimethylphenoxy)pyridin-4-amine
4 non-polymer 'SULFATE ION'
#
_entity_poly.entity_id   1
_entity_poly.type   'polypeptide(L)'
_entity_poly.pdbx_seq_one_letter_code
;MEILNEEKKSKVHYHVAAIINYLGHCISLVALLVAFVLFLRARSIRCLRNIIHANLIAAFILRNATWFVVQLTMSPEVHQ
SNVGWCRLVTAAYNYFHVTNFFWMFGEGCYLHTAIVLTNIFEMLRIDEGLRLKIYKDTEGYYTIGIGHLLTKSPSLSVAK
SELDKAIGRNSNGVITKDEAEKLFNQDVDAAVRGILRNAKLKPVYDSLDAVRRSALINMVFQMGETGVAGFTNSLRMLQQ
KRWDEAAVNLAKSRWYNQTPNRAKRVIATFRTGTWDAYLTDRLRAWMFICIGWGVPFPIIVAWAIGKLYYDNEKCWAGKR
PGVYTDYIYQGPMALVLLINFIFLFNIVRILMTKLRASTTSETIQARKAVKATLVLLPLLGITYMLAFVNPGEDEVSRVV
FIYFNAFLESFQGFFVSVFACFLNSEVRSAAAAHHHHHHHHHH
;
_entity_poly.pdbx_strand_id   A,B,C
#
# COMPACT_ATOMS: atom_id res chain seq x y z
N LYS A 9 3.98 20.52 -33.04
CA LYS A 9 3.65 20.29 -31.63
C LYS A 9 4.41 19.11 -31.03
N SER A 10 4.00 17.89 -31.39
CA SER A 10 4.65 16.69 -30.86
C SER A 10 6.00 16.45 -31.56
N LYS A 11 6.06 16.80 -32.84
CA LYS A 11 7.27 16.59 -33.63
C LYS A 11 8.49 17.29 -33.03
N VAL A 12 8.24 18.26 -32.17
CA VAL A 12 9.29 18.86 -31.33
C VAL A 12 10.04 17.78 -30.55
N HIS A 13 9.32 17.04 -29.71
CA HIS A 13 9.85 15.83 -29.06
C HIS A 13 10.70 14.98 -29.98
N TYR A 14 10.14 14.68 -31.15
CA TYR A 14 10.69 13.66 -32.03
C TYR A 14 11.98 14.11 -32.71
N HIS A 15 12.02 15.33 -33.24
CA HIS A 15 13.30 15.80 -33.77
C HIS A 15 14.44 15.94 -32.74
N VAL A 16 14.11 16.31 -31.50
CA VAL A 16 15.12 16.37 -30.44
C VAL A 16 15.67 15.00 -30.05
N ALA A 17 14.77 14.04 -29.85
CA ALA A 17 15.18 12.69 -29.47
C ALA A 17 16.04 12.03 -30.54
N ALA A 18 15.64 12.22 -31.80
CA ALA A 18 16.36 11.71 -32.97
C ALA A 18 17.85 12.05 -32.95
N ILE A 19 18.19 13.21 -32.42
CA ILE A 19 19.59 13.59 -32.21
C ILE A 19 20.24 12.80 -31.06
N ILE A 20 19.55 12.73 -29.93
CA ILE A 20 20.03 11.93 -28.81
C ILE A 20 20.22 10.47 -29.22
N ASN A 21 19.20 9.93 -29.87
CA ASN A 21 19.22 8.55 -30.33
C ASN A 21 20.27 8.31 -31.41
N TYR A 22 20.64 9.37 -32.13
CA TYR A 22 21.60 9.26 -33.21
C TYR A 22 23.02 9.33 -32.68
N LEU A 23 23.24 10.25 -31.75
CA LEU A 23 24.57 10.51 -31.21
C LEU A 23 25.15 9.32 -30.45
N GLY A 24 24.37 8.76 -29.54
CA GLY A 24 24.80 7.64 -28.74
C GLY A 24 25.08 6.40 -29.57
N HIS A 25 24.31 6.21 -30.64
CA HIS A 25 24.53 5.07 -31.54
C HIS A 25 25.89 5.16 -32.21
N CYS A 26 26.47 6.36 -32.25
CA CYS A 26 27.82 6.55 -32.79
C CYS A 26 28.87 6.18 -31.76
N ILE A 27 28.66 6.61 -30.52
CA ILE A 27 29.58 6.30 -29.44
C ILE A 27 29.54 4.80 -29.20
N SER A 28 28.35 4.23 -29.34
CA SER A 28 28.13 2.81 -29.08
C SER A 28 28.84 1.96 -30.11
N LEU A 29 28.97 2.49 -31.33
CA LEU A 29 29.56 1.70 -32.40
C LEU A 29 31.06 1.75 -32.36
N VAL A 30 31.61 2.90 -32.02
CA VAL A 30 33.04 3.02 -31.89
C VAL A 30 33.49 2.18 -30.70
N ALA A 31 32.73 2.28 -29.62
CA ALA A 31 33.02 1.51 -28.42
C ALA A 31 32.98 0.01 -28.71
N LEU A 32 31.92 -0.41 -29.39
CA LEU A 32 31.75 -1.82 -29.72
C LEU A 32 32.83 -2.28 -30.67
N LEU A 33 33.14 -1.45 -31.65
CA LEU A 33 34.09 -1.83 -32.67
C LEU A 33 35.47 -1.95 -32.07
N VAL A 34 35.80 -1.04 -31.17
CA VAL A 34 37.12 -1.07 -30.56
C VAL A 34 37.30 -2.36 -29.80
N ALA A 35 36.31 -2.69 -28.98
CA ALA A 35 36.33 -3.92 -28.21
C ALA A 35 36.47 -5.13 -29.12
N PHE A 36 35.78 -5.09 -30.27
CA PHE A 36 35.84 -6.17 -31.24
C PHE A 36 37.26 -6.40 -31.74
N VAL A 37 37.96 -5.31 -32.05
CA VAL A 37 39.34 -5.39 -32.50
C VAL A 37 40.22 -6.02 -31.43
N LEU A 38 39.99 -5.62 -30.19
CA LEU A 38 40.79 -6.09 -29.07
C LEU A 38 40.66 -7.58 -28.85
N PHE A 39 39.46 -8.11 -29.03
CA PHE A 39 39.22 -9.53 -28.86
C PHE A 39 39.93 -10.38 -29.91
N LEU A 40 39.81 -9.99 -31.18
CA LEU A 40 40.45 -10.73 -32.26
C LEU A 40 41.97 -10.67 -32.16
N ARG A 41 42.47 -9.54 -31.66
CA ARG A 41 43.90 -9.27 -31.59
C ARG A 41 44.64 -10.19 -30.61
N ALA A 42 44.04 -10.43 -29.43
CA ALA A 42 44.71 -11.21 -28.39
C ALA A 42 44.68 -12.72 -28.65
N ARG A 43 45.63 -13.43 -28.05
CA ARG A 43 45.69 -14.90 -28.15
C ARG A 43 44.61 -15.51 -27.26
N SER A 44 43.89 -14.63 -26.57
CA SER A 44 42.79 -15.02 -25.70
C SER A 44 41.62 -15.60 -26.49
N ILE A 45 41.65 -15.41 -27.81
CA ILE A 45 40.54 -15.78 -28.67
C ILE A 45 40.48 -17.28 -29.01
N ARG A 46 41.46 -18.05 -28.56
CA ARG A 46 41.44 -19.49 -28.79
C ARG A 46 40.49 -20.15 -27.80
N CYS A 47 40.37 -19.52 -26.64
CA CYS A 47 39.47 -19.95 -25.57
C CYS A 47 37.99 -19.72 -25.93
N LEU A 48 37.12 -20.54 -25.35
CA LEU A 48 35.69 -20.51 -25.68
C LEU A 48 34.98 -19.24 -25.20
N ARG A 49 35.61 -18.57 -24.25
CA ARG A 49 34.99 -17.58 -23.40
C ARG A 49 34.82 -16.37 -24.27
N ASN A 50 35.87 -16.09 -25.01
CA ASN A 50 35.95 -14.90 -25.82
C ASN A 50 35.36 -15.10 -27.19
N ILE A 51 35.31 -16.35 -27.64
CA ILE A 51 34.62 -16.62 -28.88
C ILE A 51 33.18 -16.14 -28.74
N ILE A 52 32.58 -16.46 -27.59
CA ILE A 52 31.24 -16.00 -27.27
C ILE A 52 31.22 -14.49 -27.15
N HIS A 53 32.24 -13.94 -26.52
CA HIS A 53 32.35 -12.49 -26.37
C HIS A 53 32.46 -11.83 -27.72
N ALA A 54 33.40 -12.31 -28.53
CA ALA A 54 33.66 -11.75 -29.84
C ALA A 54 32.42 -11.84 -30.73
N ASN A 55 31.71 -12.96 -30.63
CA ASN A 55 30.48 -13.15 -31.39
C ASN A 55 29.33 -12.34 -30.84
N LEU A 56 29.30 -12.18 -29.52
CA LEU A 56 28.29 -11.35 -28.88
C LEU A 56 28.45 -9.92 -29.34
N ILE A 57 29.68 -9.45 -29.36
CA ILE A 57 29.95 -8.07 -29.78
C ILE A 57 29.64 -7.85 -31.27
N ALA A 58 29.93 -8.86 -32.08
CA ALA A 58 29.70 -8.80 -33.52
C ALA A 58 28.21 -8.64 -33.84
N ALA A 59 27.37 -9.33 -33.07
CA ALA A 59 25.92 -9.31 -33.23
C ALA A 59 25.36 -7.92 -32.99
N PHE A 60 25.90 -7.25 -31.99
CA PHE A 60 25.47 -5.90 -31.65
C PHE A 60 25.99 -4.90 -32.66
N ILE A 61 27.18 -5.16 -33.19
CA ILE A 61 27.74 -4.29 -34.21
C ILE A 61 26.81 -4.30 -35.42
N LEU A 62 26.44 -5.50 -35.85
CA LEU A 62 25.57 -5.65 -37.01
C LEU A 62 24.20 -5.01 -36.78
N ARG A 63 23.71 -5.07 -35.56
CA ARG A 63 22.41 -4.49 -35.25
C ARG A 63 22.48 -2.97 -35.21
N ASN A 64 23.51 -2.45 -34.54
CA ASN A 64 23.71 -1.02 -34.46
C ASN A 64 23.96 -0.39 -35.83
N ALA A 65 24.57 -1.16 -36.71
CA ALA A 65 24.86 -0.71 -38.06
C ALA A 65 23.59 -0.66 -38.89
N THR A 66 22.61 -1.50 -38.55
CA THR A 66 21.37 -1.58 -39.32
C THR A 66 20.45 -0.45 -38.89
N TRP A 67 20.68 0.06 -37.68
CA TRP A 67 19.93 1.19 -37.17
C TRP A 67 20.12 2.39 -38.06
N PHE A 68 21.35 2.61 -38.50
CA PHE A 68 21.65 3.67 -39.45
C PHE A 68 20.99 3.43 -40.82
N VAL A 69 20.95 2.17 -41.26
CA VAL A 69 20.32 1.82 -42.54
C VAL A 69 18.83 2.10 -42.46
N VAL A 70 18.21 1.60 -41.39
CA VAL A 70 16.80 1.84 -41.11
C VAL A 70 16.46 3.33 -41.09
N GLN A 71 17.32 4.13 -40.45
CA GLN A 71 17.15 5.59 -40.41
C GLN A 71 17.29 6.26 -41.76
N LEU A 72 18.28 5.84 -42.52
CA LEU A 72 18.58 6.49 -43.77
C LEU A 72 17.92 5.80 -44.98
N THR A 73 16.88 5.03 -44.67
CA THR A 73 15.80 4.64 -45.60
C THR A 73 14.48 4.32 -44.84
N MET A 74 13.87 5.29 -44.17
CA MET A 74 12.54 5.06 -43.56
C MET A 74 11.65 6.30 -43.48
N SER A 75 10.70 6.39 -44.41
CA SER A 75 9.72 7.47 -44.47
C SER A 75 8.34 6.83 -44.66
N PRO A 76 7.24 7.53 -44.29
CA PRO A 76 5.90 6.95 -44.54
C PRO A 76 5.65 6.61 -46.02
N GLU A 77 6.10 7.48 -46.92
CA GLU A 77 6.04 7.25 -48.36
C GLU A 77 6.64 5.90 -48.78
N VAL A 78 7.87 5.64 -48.34
CA VAL A 78 8.48 4.32 -48.51
C VAL A 78 7.60 3.30 -47.84
N HIS A 79 7.21 3.57 -46.59
CA HIS A 79 6.37 2.67 -45.78
C HIS A 79 5.06 2.21 -46.45
N GLN A 80 4.25 3.17 -46.88
CA GLN A 80 3.03 2.93 -47.67
C GLN A 80 3.30 1.94 -48.82
N SER A 81 4.43 2.14 -49.48
CA SER A 81 4.91 1.15 -50.45
C SER A 81 5.62 -0.02 -49.79
N ASN A 82 4.95 -1.15 -49.61
CA ASN A 82 5.70 -2.37 -49.34
C ASN A 82 6.67 -2.68 -50.46
N VAL A 83 7.84 -2.05 -50.39
CA VAL A 83 8.91 -2.31 -51.34
C VAL A 83 9.67 -3.56 -50.91
N GLY A 84 10.15 -4.34 -51.88
CA GLY A 84 10.85 -5.58 -51.60
C GLY A 84 12.03 -5.42 -50.66
N TRP A 85 12.92 -4.52 -51.02
CA TRP A 85 14.10 -4.26 -50.20
C TRP A 85 13.75 -3.58 -48.87
N CYS A 86 12.59 -2.94 -48.78
CA CYS A 86 12.19 -2.26 -47.54
C CYS A 86 11.81 -3.24 -46.43
N ARG A 87 11.15 -4.33 -46.83
CA ARG A 87 10.75 -5.36 -45.89
C ARG A 87 11.95 -6.21 -45.50
N LEU A 88 12.99 -6.18 -46.33
CA LEU A 88 14.20 -6.95 -46.07
C LEU A 88 14.98 -6.35 -44.91
N VAL A 89 15.05 -5.02 -44.88
CA VAL A 89 15.77 -4.29 -43.84
C VAL A 89 15.10 -4.48 -42.48
N THR A 90 13.77 -4.48 -42.49
CA THR A 90 12.99 -4.71 -41.28
C THR A 90 13.20 -6.14 -40.79
N ALA A 91 13.19 -7.09 -41.72
CA ALA A 91 13.42 -8.50 -41.39
C ALA A 91 14.83 -8.69 -40.83
N ALA A 92 15.79 -8.01 -41.44
CA ALA A 92 17.18 -8.08 -41.00
C ALA A 92 17.39 -7.45 -39.63
N TYR A 93 16.77 -6.29 -39.43
CA TYR A 93 16.87 -5.56 -38.17
C TYR A 93 16.30 -6.39 -37.02
N ASN A 94 15.15 -7.01 -37.27
CA ASN A 94 14.50 -7.87 -36.29
C ASN A 94 15.28 -9.17 -36.07
N TYR A 95 15.93 -9.65 -37.14
CA TYR A 95 16.78 -10.83 -37.06
C TYR A 95 17.94 -10.62 -36.07
N PHE A 96 18.59 -9.47 -36.18
CA PHE A 96 19.71 -9.14 -35.32
C PHE A 96 19.31 -9.02 -33.87
N HIS A 97 18.05 -8.63 -33.64
CA HIS A 97 17.52 -8.51 -32.30
C HIS A 97 17.40 -9.87 -31.63
N VAL A 98 16.92 -10.84 -32.39
CA VAL A 98 16.83 -12.20 -31.91
C VAL A 98 18.22 -12.71 -31.61
N THR A 99 19.18 -12.28 -32.41
CA THR A 99 20.55 -12.69 -32.22
C THR A 99 21.06 -12.22 -30.86
N ASN A 100 20.93 -10.93 -30.61
CA ASN A 100 21.33 -10.31 -29.34
C ASN A 100 20.97 -11.12 -28.11
N PHE A 101 19.70 -11.52 -28.03
CA PHE A 101 19.22 -12.35 -26.94
C PHE A 101 19.86 -13.72 -26.95
N PHE A 102 19.94 -14.31 -28.14
CA PHE A 102 20.45 -15.67 -28.28
C PHE A 102 21.95 -15.81 -28.06
N TRP A 103 22.70 -14.74 -28.29
CA TRP A 103 24.14 -14.73 -27.98
C TRP A 103 24.38 -14.34 -26.52
N MET A 104 23.44 -13.58 -25.96
CA MET A 104 23.43 -13.31 -24.52
C MET A 104 23.02 -14.57 -23.78
N PHE A 105 22.22 -15.38 -24.46
CA PHE A 105 21.86 -16.70 -23.97
C PHE A 105 23.10 -17.57 -23.92
N GLY A 106 24.00 -17.35 -24.88
CA GLY A 106 25.26 -18.06 -24.90
C GLY A 106 26.10 -17.67 -23.71
N GLU A 107 26.17 -16.36 -23.46
CA GLU A 107 26.91 -15.83 -22.32
C GLU A 107 26.36 -16.36 -21.01
N GLY A 108 25.04 -16.55 -20.96
CA GLY A 108 24.40 -17.06 -19.77
C GLY A 108 24.64 -18.53 -19.57
N CYS A 109 24.49 -19.30 -20.64
CA CYS A 109 24.70 -20.73 -20.58
C CYS A 109 26.11 -20.98 -20.12
N TYR A 110 27.03 -20.29 -20.76
CA TYR A 110 28.42 -20.49 -20.43
C TYR A 110 28.69 -20.16 -18.99
N LEU A 111 28.24 -18.99 -18.55
CA LEU A 111 28.44 -18.54 -17.18
C LEU A 111 27.89 -19.54 -16.17
N HIS A 112 26.66 -19.94 -16.38
CA HIS A 112 25.95 -20.79 -15.45
C HIS A 112 26.69 -22.09 -15.17
N THR A 113 26.96 -22.84 -16.24
CA THR A 113 27.66 -24.11 -16.13
C THR A 113 29.03 -23.92 -15.50
N ALA A 114 29.68 -22.82 -15.87
CA ALA A 114 31.02 -22.52 -15.38
C ALA A 114 31.01 -22.40 -13.87
N ILE A 115 29.96 -21.81 -13.32
CA ILE A 115 29.87 -21.66 -11.89
C ILE A 115 29.27 -22.90 -11.25
N VAL A 116 28.16 -23.34 -11.81
CA VAL A 116 27.34 -24.36 -11.17
C VAL A 116 27.76 -25.78 -11.57
N LEU A 117 27.76 -26.05 -12.86
CA LEU A 117 28.04 -27.40 -13.35
C LEU A 117 29.54 -27.72 -13.37
N THR A 118 30.32 -26.88 -12.71
CA THR A 118 31.76 -27.04 -12.74
C THR A 118 32.32 -27.12 -11.33
N ASN A 119 32.29 -28.32 -10.75
CA ASN A 119 32.86 -28.55 -9.43
C ASN A 119 33.41 -29.96 -9.32
N ILE A 120 33.68 -30.37 -8.09
CA ILE A 120 34.30 -31.66 -7.85
C ILE A 120 33.33 -32.82 -8.07
N PHE A 121 32.06 -32.61 -7.72
CA PHE A 121 31.05 -33.65 -7.88
C PHE A 121 30.89 -33.96 -9.35
N GLU A 122 30.84 -32.90 -10.15
CA GLU A 122 30.63 -33.04 -11.58
C GLU A 122 31.86 -33.64 -12.24
N MET A 123 33.02 -33.27 -11.73
CA MET A 123 34.27 -33.73 -12.29
C MET A 123 34.35 -35.25 -12.24
N LEU A 124 33.99 -35.79 -11.08
CA LEU A 124 34.02 -37.22 -10.84
C LEU A 124 32.76 -37.91 -11.36
N ARG A 125 31.73 -37.12 -11.61
CA ARG A 125 30.52 -37.65 -12.22
C ARG A 125 30.83 -38.08 -13.64
N ILE A 126 31.75 -37.35 -14.26
CA ILE A 126 32.17 -37.63 -15.62
C ILE A 126 33.17 -38.78 -15.63
N ASP A 127 34.24 -38.63 -14.86
CA ASP A 127 35.31 -39.61 -14.83
C ASP A 127 34.87 -40.98 -14.33
N GLU A 128 34.51 -41.05 -13.05
CA GLU A 128 34.11 -42.32 -12.44
C GLU A 128 32.79 -42.83 -12.98
N GLY A 129 31.81 -41.94 -13.12
CA GLY A 129 30.50 -42.31 -13.60
C GLY A 129 29.53 -42.54 -12.45
N LEU A 130 28.30 -42.07 -12.63
CA LEU A 130 27.31 -42.17 -11.55
C LEU A 130 26.21 -43.17 -11.87
N ARG A 131 25.99 -44.10 -10.94
CA ARG A 131 24.90 -45.06 -11.07
C ARG A 131 23.94 -44.92 -9.90
N LEU A 132 22.65 -44.81 -10.20
CA LEU A 132 21.64 -44.48 -9.21
C LEU A 132 21.01 -45.71 -8.55
N LYS A 133 21.43 -46.89 -9.01
CA LYS A 133 20.91 -48.15 -8.47
C LYS A 133 22.06 -48.96 -7.87
N ILE A 134 21.76 -49.72 -6.82
CA ILE A 134 22.77 -50.57 -6.19
C ILE A 134 23.29 -51.62 -7.16
N TYR A 135 24.62 -51.69 -7.25
CA TYR A 135 25.29 -52.59 -8.19
C TYR A 135 26.56 -53.14 -7.55
N LYS A 136 27.19 -54.06 -8.27
CA LYS A 136 28.43 -54.67 -7.79
C LYS A 136 29.63 -54.18 -8.62
N ASP A 137 30.69 -53.82 -7.91
CA ASP A 137 31.95 -53.39 -8.52
C ASP A 137 32.82 -54.57 -8.95
N THR A 138 34.04 -54.28 -9.40
CA THR A 138 34.99 -55.30 -9.88
C THR A 138 35.32 -56.35 -8.81
N GLU A 139 35.23 -55.96 -7.55
CA GLU A 139 35.60 -56.84 -6.45
C GLU A 139 34.42 -57.68 -5.92
N GLY A 140 33.23 -57.46 -6.47
CA GLY A 140 32.05 -58.19 -6.04
C GLY A 140 31.34 -57.50 -4.87
N TYR A 141 31.86 -56.35 -4.46
CA TYR A 141 31.28 -55.57 -3.37
C TYR A 141 30.19 -54.62 -3.85
N TYR A 142 29.28 -54.23 -2.96
CA TYR A 142 28.15 -53.37 -3.31
C TYR A 142 28.50 -51.87 -3.31
N THR A 143 28.09 -51.20 -4.37
CA THR A 143 28.46 -49.81 -4.59
C THR A 143 27.21 -49.11 -5.08
N ILE A 144 27.05 -47.83 -4.75
CA ILE A 144 25.94 -47.05 -5.29
C ILE A 144 26.36 -45.60 -5.40
N GLY A 145 25.75 -44.87 -6.33
CA GLY A 145 26.09 -43.48 -6.53
C GLY A 145 27.38 -43.41 -7.33
N ILE A 146 28.30 -42.56 -6.89
CA ILE A 146 29.58 -42.46 -7.57
C ILE A 146 30.65 -43.19 -6.77
N GLY A 147 30.90 -44.45 -7.12
CA GLY A 147 31.95 -45.26 -6.53
C GLY A 147 31.94 -45.29 -5.01
N HIS A 148 30.75 -45.21 -4.44
CA HIS A 148 30.55 -45.21 -3.00
C HIS A 148 30.28 -46.61 -2.48
N LEU A 149 31.20 -47.12 -1.68
CA LEU A 149 31.15 -48.50 -1.22
C LEU A 149 30.31 -48.68 0.05
N LEU A 150 29.22 -49.41 -0.09
CA LEU A 150 28.24 -49.56 0.98
C LEU A 150 28.65 -50.57 2.06
N THR A 151 28.78 -51.82 1.67
CA THR A 151 29.12 -52.88 2.60
C THR A 151 29.88 -54.02 1.91
N LYS A 152 30.67 -54.77 2.68
CA LYS A 152 31.42 -55.89 2.13
C LYS A 152 30.77 -57.23 2.48
N SER A 153 29.53 -57.18 2.96
CA SER A 153 28.72 -58.39 3.16
C SER A 153 28.01 -58.73 1.86
N PRO A 154 28.18 -59.96 1.36
CA PRO A 154 27.62 -60.35 0.06
C PRO A 154 26.09 -60.30 0.00
N SER A 155 25.45 -59.94 1.11
CA SER A 155 24.00 -59.87 1.22
C SER A 155 23.48 -58.47 0.86
N LEU A 156 22.76 -58.40 -0.26
CA LEU A 156 22.14 -57.16 -0.73
C LEU A 156 21.19 -56.53 0.29
N SER A 157 20.40 -57.36 0.96
CA SER A 157 19.42 -56.88 1.93
C SER A 157 20.04 -56.11 3.09
N VAL A 158 21.35 -56.27 3.28
CA VAL A 158 22.08 -55.51 4.28
C VAL A 158 22.57 -54.19 3.69
N ALA A 159 22.87 -54.20 2.39
CA ALA A 159 23.34 -53.00 1.70
C ALA A 159 22.27 -51.92 1.72
N LYS A 160 21.03 -52.33 1.53
CA LYS A 160 19.90 -51.41 1.55
C LYS A 160 19.75 -50.79 2.91
N SER A 161 19.91 -51.61 3.94
CA SER A 161 19.83 -51.13 5.32
C SER A 161 20.87 -50.04 5.56
N GLU A 162 22.08 -50.24 5.04
CA GLU A 162 23.14 -49.26 5.22
C GLU A 162 22.89 -48.05 4.34
N LEU A 163 22.38 -48.31 3.15
CA LEU A 163 22.05 -47.25 2.21
C LEU A 163 20.97 -46.38 2.83
N ASP A 164 19.99 -47.02 3.45
CA ASP A 164 18.89 -46.30 4.07
C ASP A 164 19.35 -45.50 5.29
N LYS A 165 20.21 -46.11 6.11
CA LYS A 165 20.72 -45.45 7.31
C LYS A 165 21.51 -44.20 6.96
N ALA A 166 22.37 -44.31 5.96
CA ALA A 166 23.21 -43.20 5.53
C ALA A 166 22.37 -42.10 4.90
N ILE A 167 21.46 -42.48 4.02
CA ILE A 167 20.58 -41.53 3.35
C ILE A 167 19.51 -40.96 4.29
N GLY A 168 18.82 -41.86 5.00
CA GLY A 168 17.81 -41.45 5.95
C GLY A 168 16.39 -41.69 5.46
N ARG A 169 16.27 -42.27 4.27
CA ARG A 169 14.97 -42.52 3.66
C ARG A 169 14.97 -43.88 2.94
N ASN A 170 13.86 -44.61 3.01
CA ASN A 170 13.77 -45.94 2.41
C ASN A 170 14.04 -45.95 0.91
N SER A 171 15.13 -46.59 0.52
CA SER A 171 15.68 -46.47 -0.83
C SER A 171 15.12 -47.51 -1.78
N ASN A 172 15.08 -48.75 -1.30
CA ASN A 172 14.72 -49.91 -2.11
C ASN A 172 15.72 -50.15 -3.23
N GLY A 173 16.97 -49.75 -2.98
CA GLY A 173 18.04 -49.95 -3.94
C GLY A 173 18.31 -48.77 -4.84
N VAL A 174 17.52 -47.71 -4.69
CA VAL A 174 17.64 -46.54 -5.57
C VAL A 174 17.71 -45.22 -4.79
N ILE A 175 18.57 -44.31 -5.26
CA ILE A 175 18.64 -42.97 -4.70
C ILE A 175 18.50 -41.94 -5.80
N THR A 176 18.32 -40.68 -5.41
CA THR A 176 18.28 -39.61 -6.39
C THR A 176 19.68 -39.11 -6.65
N LYS A 177 19.82 -38.29 -7.68
CA LYS A 177 21.09 -37.64 -7.97
C LYS A 177 21.45 -36.70 -6.82
N ASP A 178 20.44 -36.15 -6.17
CA ASP A 178 20.62 -35.26 -5.03
C ASP A 178 21.34 -35.98 -3.89
N GLU A 179 20.93 -37.21 -3.64
CA GLU A 179 21.44 -37.96 -2.50
C GLU A 179 22.86 -38.44 -2.72
N ALA A 180 23.15 -38.84 -3.95
CA ALA A 180 24.48 -39.32 -4.31
C ALA A 180 25.51 -38.23 -4.04
N GLU A 181 25.07 -36.99 -4.22
CA GLU A 181 25.90 -35.82 -3.93
C GLU A 181 26.35 -35.81 -2.47
N LYS A 182 25.40 -35.94 -1.56
CA LYS A 182 25.70 -35.99 -0.13
C LYS A 182 26.65 -37.13 0.19
N LEU A 183 26.36 -38.30 -0.36
CA LEU A 183 27.25 -39.45 -0.19
C LEU A 183 28.64 -39.15 -0.74
N PHE A 184 28.69 -38.49 -1.89
CA PHE A 184 29.95 -38.13 -2.51
C PHE A 184 30.74 -37.16 -1.63
N ASN A 185 30.07 -36.12 -1.16
CA ASN A 185 30.69 -35.15 -0.25
C ASN A 185 31.17 -35.81 1.05
N GLN A 186 30.41 -36.79 1.53
CA GLN A 186 30.81 -37.59 2.68
C GLN A 186 32.08 -38.39 2.40
N ASP A 187 32.29 -38.76 1.13
CA ASP A 187 33.44 -39.57 0.75
C ASP A 187 34.68 -38.71 0.54
N VAL A 188 34.48 -37.46 0.14
CA VAL A 188 35.60 -36.53 -0.07
C VAL A 188 36.34 -36.28 1.23
N ASP A 189 35.59 -35.94 2.27
CA ASP A 189 36.16 -35.68 3.58
C ASP A 189 37.00 -36.84 4.06
N ALA A 190 36.46 -38.06 3.88
CA ALA A 190 37.15 -39.28 4.26
C ALA A 190 38.45 -39.41 3.48
N ALA A 191 38.37 -39.13 2.18
CA ALA A 191 39.54 -39.11 1.32
C ALA A 191 40.51 -38.02 1.78
N VAL A 192 39.98 -36.82 2.00
CA VAL A 192 40.77 -35.69 2.50
C VAL A 192 41.42 -36.04 3.83
N ARG A 193 40.66 -36.70 4.70
CA ARG A 193 41.18 -37.13 5.99
C ARG A 193 42.42 -38.00 5.87
N GLY A 194 42.30 -39.04 5.05
CA GLY A 194 43.37 -40.02 4.88
C GLY A 194 44.62 -39.42 4.30
N ILE A 195 44.47 -38.53 3.32
CA ILE A 195 45.62 -37.93 2.67
C ILE A 195 46.47 -37.22 3.70
N LEU A 196 45.82 -36.39 4.50
CA LEU A 196 46.46 -35.59 5.52
C LEU A 196 47.18 -36.41 6.59
N ARG A 197 46.67 -37.61 6.88
CA ARG A 197 47.37 -38.52 7.80
C ARG A 197 48.66 -39.01 7.17
N ASN A 198 48.57 -39.39 5.89
CA ASN A 198 49.70 -39.92 5.16
C ASN A 198 50.86 -38.96 5.12
N ALA A 199 52.07 -39.50 5.13
CA ALA A 199 53.27 -38.67 5.17
C ALA A 199 53.86 -38.46 3.78
N LYS A 200 53.32 -39.17 2.79
CA LYS A 200 53.85 -39.08 1.44
C LYS A 200 53.06 -38.08 0.61
N LEU A 201 51.76 -37.98 0.88
CA LEU A 201 50.87 -37.13 0.09
C LEU A 201 50.63 -35.77 0.75
N LYS A 202 50.41 -35.78 2.05
CA LYS A 202 50.04 -34.57 2.79
C LYS A 202 50.88 -33.31 2.51
N PRO A 203 52.23 -33.44 2.49
CA PRO A 203 53.01 -32.23 2.15
C PRO A 203 52.66 -31.67 0.78
N VAL A 204 52.45 -32.57 -0.17
CA VAL A 204 52.08 -32.20 -1.52
C VAL A 204 50.66 -31.62 -1.57
N TYR A 205 49.72 -32.30 -0.95
CA TYR A 205 48.33 -31.83 -0.85
C TYR A 205 48.26 -30.43 -0.25
N ASP A 206 48.97 -30.23 0.86
CA ASP A 206 49.00 -28.94 1.55
C ASP A 206 49.57 -27.81 0.69
N SER A 207 50.32 -28.17 -0.35
CA SER A 207 50.95 -27.19 -1.22
C SER A 207 50.04 -26.74 -2.35
N LEU A 208 49.13 -27.62 -2.76
CA LEU A 208 48.28 -27.35 -3.91
C LEU A 208 47.18 -26.34 -3.61
N ASP A 209 46.31 -26.13 -4.60
CA ASP A 209 45.13 -25.28 -4.47
C ASP A 209 43.86 -26.05 -4.81
N ALA A 210 42.70 -25.41 -4.65
CA ALA A 210 41.39 -26.05 -4.81
C ALA A 210 41.26 -26.98 -6.01
N VAL A 211 41.51 -26.45 -7.20
CA VAL A 211 41.35 -27.20 -8.44
C VAL A 211 42.33 -28.40 -8.52
N ARG A 212 43.51 -28.23 -7.95
CA ARG A 212 44.52 -29.29 -7.98
C ARG A 212 44.39 -30.29 -6.84
N ARG A 213 43.87 -29.82 -5.71
CA ARG A 213 43.56 -30.71 -4.61
C ARG A 213 42.49 -31.67 -5.09
N SER A 214 41.52 -31.13 -5.81
CA SER A 214 40.45 -31.92 -6.41
C SER A 214 41.03 -32.93 -7.39
N ALA A 215 42.11 -32.53 -8.06
CA ALA A 215 42.79 -33.43 -8.97
C ALA A 215 43.48 -34.58 -8.24
N LEU A 216 44.10 -34.26 -7.11
CA LEU A 216 44.83 -35.24 -6.33
C LEU A 216 43.81 -36.14 -5.70
N ILE A 217 42.80 -35.51 -5.13
CA ILE A 217 41.68 -36.20 -4.52
C ILE A 217 41.13 -37.18 -5.57
N ASN A 218 40.80 -36.71 -6.78
CA ASN A 218 40.44 -37.56 -7.92
C ASN A 218 41.29 -38.83 -8.08
N MET A 219 42.60 -38.66 -8.04
CA MET A 219 43.52 -39.77 -8.17
C MET A 219 43.39 -40.70 -6.99
N VAL A 220 43.20 -40.12 -5.82
CA VAL A 220 42.96 -40.90 -4.61
C VAL A 220 41.76 -41.83 -4.78
N PHE A 221 40.67 -41.31 -5.33
CA PHE A 221 39.48 -42.14 -5.50
C PHE A 221 39.73 -43.27 -6.49
N GLN A 222 40.56 -43.03 -7.49
CA GLN A 222 40.81 -44.06 -8.48
C GLN A 222 41.70 -45.18 -7.96
N MET A 223 42.71 -44.82 -7.17
CA MET A 223 43.75 -45.79 -6.78
C MET A 223 43.96 -45.96 -5.28
N GLY A 224 43.39 -45.09 -4.47
CA GLY A 224 43.63 -45.11 -3.03
C GLY A 224 44.96 -44.45 -2.73
N GLU A 225 45.25 -44.22 -1.46
CA GLU A 225 46.48 -43.54 -1.07
C GLU A 225 47.77 -44.26 -1.37
N THR A 226 47.80 -45.51 -0.97
CA THR A 226 48.97 -46.34 -1.13
C THR A 226 49.38 -46.38 -2.60
N GLY A 227 48.39 -46.37 -3.49
CA GLY A 227 48.64 -46.38 -4.92
C GLY A 227 49.18 -45.05 -5.42
N VAL A 228 48.67 -43.95 -4.86
CA VAL A 228 49.10 -42.61 -5.25
C VAL A 228 50.42 -42.22 -4.57
N ALA A 229 50.68 -42.80 -3.40
CA ALA A 229 51.93 -42.54 -2.68
C ALA A 229 53.16 -43.07 -3.42
N GLY A 230 52.92 -43.97 -4.37
CA GLY A 230 53.98 -44.70 -5.06
C GLY A 230 54.93 -43.91 -5.95
N PHE A 231 54.40 -43.02 -6.77
CA PHE A 231 55.21 -42.30 -7.78
C PHE A 231 56.36 -41.52 -7.18
N THR A 232 56.09 -40.83 -6.06
CA THR A 232 57.09 -40.06 -5.32
C THR A 232 57.63 -38.88 -6.11
N ASN A 233 58.22 -39.16 -7.27
CA ASN A 233 58.79 -38.13 -8.13
C ASN A 233 57.77 -37.17 -8.71
N SER A 234 56.62 -37.70 -9.08
CA SER A 234 55.57 -36.89 -9.67
C SER A 234 55.08 -35.86 -8.65
N LEU A 235 54.78 -36.33 -7.45
CA LEU A 235 54.31 -35.48 -6.37
C LEU A 235 55.35 -34.48 -5.92
N ARG A 236 56.61 -34.83 -6.18
CA ARG A 236 57.72 -33.98 -5.81
C ARG A 236 57.62 -32.67 -6.58
N MET A 237 57.44 -32.79 -7.90
CA MET A 237 57.30 -31.65 -8.78
C MET A 237 56.05 -30.82 -8.46
N LEU A 238 54.96 -31.49 -8.15
CA LEU A 238 53.72 -30.82 -7.76
C LEU A 238 53.91 -30.02 -6.47
N GLN A 239 54.74 -30.54 -5.58
CA GLN A 239 55.08 -29.85 -4.35
C GLN A 239 55.95 -28.62 -4.64
N GLN A 240 56.80 -28.70 -5.66
CA GLN A 240 57.73 -27.61 -6.01
C GLN A 240 57.19 -26.70 -7.11
N LYS A 241 55.90 -26.84 -7.40
CA LYS A 241 55.22 -26.02 -8.40
C LYS A 241 55.83 -26.11 -9.80
N ARG A 242 56.40 -27.27 -10.12
CA ARG A 242 56.88 -27.54 -11.47
C ARG A 242 55.81 -28.29 -12.25
N TRP A 243 54.79 -27.55 -12.67
CA TRP A 243 53.57 -28.12 -13.24
C TRP A 243 53.81 -28.91 -14.53
N ASP A 244 54.45 -28.28 -15.50
CA ASP A 244 54.66 -28.92 -16.79
C ASP A 244 55.43 -30.22 -16.67
N GLU A 245 56.44 -30.22 -15.82
CA GLU A 245 57.23 -31.43 -15.59
C GLU A 245 56.38 -32.51 -14.97
N ALA A 246 55.51 -32.10 -14.05
CA ALA A 246 54.60 -33.03 -13.38
C ALA A 246 53.66 -33.67 -14.39
N ALA A 247 53.17 -32.87 -15.33
CA ALA A 247 52.27 -33.35 -16.37
C ALA A 247 52.93 -34.41 -17.25
N VAL A 248 54.18 -34.18 -17.63
CA VAL A 248 54.90 -35.12 -18.50
C VAL A 248 55.16 -36.42 -17.77
N ASN A 249 55.44 -36.31 -16.48
CA ASN A 249 55.71 -37.48 -15.65
C ASN A 249 54.49 -38.37 -15.49
N LEU A 250 53.33 -37.75 -15.33
CA LEU A 250 52.10 -38.50 -15.11
C LEU A 250 51.64 -39.22 -16.37
N ALA A 251 52.15 -38.77 -17.51
CA ALA A 251 51.84 -39.39 -18.79
C ALA A 251 52.42 -40.79 -18.84
N LYS A 252 53.63 -40.93 -18.31
CA LYS A 252 54.34 -42.20 -18.37
C LYS A 252 53.74 -43.28 -17.49
N SER A 253 52.93 -42.88 -16.52
CA SER A 253 52.28 -43.83 -15.61
C SER A 253 51.39 -44.81 -16.37
N ARG A 254 51.45 -46.08 -15.99
CA ARG A 254 50.58 -47.09 -16.59
C ARG A 254 49.10 -46.79 -16.29
N TRP A 255 48.90 -45.95 -15.27
CA TRP A 255 47.61 -45.31 -15.01
C TRP A 255 47.10 -44.67 -16.29
N TYR A 256 47.94 -43.82 -16.88
CA TYR A 256 47.66 -43.19 -18.15
C TYR A 256 47.48 -44.23 -19.25
N ASN A 257 48.40 -45.20 -19.31
CA ASN A 257 48.33 -46.27 -20.30
C ASN A 257 47.04 -47.09 -20.19
N GLN A 258 46.57 -47.31 -18.97
CA GLN A 258 45.40 -48.12 -18.73
C GLN A 258 44.11 -47.33 -19.00
N THR A 259 44.05 -46.10 -18.51
CA THR A 259 42.90 -45.22 -18.72
C THR A 259 43.32 -43.86 -19.26
N PRO A 260 43.38 -43.73 -20.60
CA PRO A 260 43.86 -42.53 -21.29
C PRO A 260 43.08 -41.23 -20.97
N ASN A 261 41.76 -41.25 -21.15
CA ASN A 261 40.97 -40.02 -21.05
C ASN A 261 40.98 -39.38 -19.67
N ARG A 262 40.75 -40.18 -18.65
CA ARG A 262 40.70 -39.68 -17.28
C ARG A 262 42.01 -39.01 -16.91
N ALA A 263 43.11 -39.64 -17.28
CA ALA A 263 44.43 -39.10 -17.02
C ALA A 263 44.53 -37.70 -17.61
N LYS A 264 44.31 -37.60 -18.93
CA LYS A 264 44.30 -36.32 -19.64
C LYS A 264 43.57 -35.23 -18.87
N ARG A 265 42.32 -35.50 -18.55
CA ARG A 265 41.50 -34.51 -17.84
C ARG A 265 42.07 -34.18 -16.47
N VAL A 266 42.51 -35.19 -15.75
CA VAL A 266 43.07 -34.98 -14.42
C VAL A 266 44.43 -34.30 -14.51
N ILE A 267 45.25 -34.79 -15.43
CA ILE A 267 46.60 -34.24 -15.62
C ILE A 267 46.55 -32.79 -16.11
N ALA A 268 45.69 -32.51 -17.07
CA ALA A 268 45.55 -31.15 -17.58
C ALA A 268 45.04 -30.21 -16.49
N THR A 269 44.26 -30.75 -15.57
CA THR A 269 43.76 -30.00 -14.43
C THR A 269 44.90 -29.65 -13.49
N PHE A 270 45.90 -30.52 -13.44
CA PHE A 270 47.12 -30.27 -12.68
C PHE A 270 47.93 -29.17 -13.37
N ARG A 271 48.00 -29.25 -14.70
CA ARG A 271 48.86 -28.36 -15.47
C ARG A 271 48.37 -26.93 -15.50
N THR A 272 47.05 -26.74 -15.63
CA THR A 272 46.50 -25.40 -15.77
C THR A 272 45.87 -24.86 -14.49
N GLY A 273 45.57 -25.76 -13.55
CA GLY A 273 44.98 -25.37 -12.28
C GLY A 273 43.57 -24.84 -12.45
N THR A 274 42.97 -25.17 -13.59
CA THR A 274 41.61 -24.75 -13.88
C THR A 274 40.79 -25.96 -14.33
N TRP A 275 39.48 -25.75 -14.45
CA TRP A 275 38.58 -26.83 -14.87
C TRP A 275 38.36 -26.80 -16.37
N ASP A 276 39.19 -26.03 -17.07
CA ASP A 276 39.09 -25.91 -18.53
C ASP A 276 39.12 -27.27 -19.22
N ALA A 277 39.79 -28.23 -18.59
CA ALA A 277 39.81 -29.59 -19.11
C ALA A 277 38.42 -30.21 -19.02
N TYR A 278 37.77 -30.01 -17.88
CA TYR A 278 36.45 -30.60 -17.64
C TYR A 278 35.30 -29.74 -18.14
N LEU A 279 35.41 -28.43 -17.95
CA LEU A 279 34.39 -27.49 -18.39
C LEU A 279 34.17 -27.61 -19.90
N THR A 280 35.24 -27.69 -20.66
CA THR A 280 35.14 -27.73 -22.12
C THR A 280 35.00 -29.14 -22.68
N ASP A 281 34.51 -30.07 -21.87
CA ASP A 281 34.30 -31.44 -22.34
C ASP A 281 32.96 -31.54 -23.05
N ARG A 282 31.98 -30.76 -22.58
CA ARG A 282 30.64 -30.79 -23.15
C ARG A 282 30.34 -29.50 -23.91
N LEU A 283 30.91 -28.40 -23.47
CA LEU A 283 30.65 -27.10 -24.09
C LEU A 283 31.58 -26.82 -25.27
N ARG A 284 31.01 -26.81 -26.46
CA ARG A 284 31.74 -26.56 -27.69
C ARG A 284 31.24 -25.31 -28.42
N ALA A 285 32.08 -24.76 -29.29
CA ALA A 285 31.77 -23.52 -29.99
C ALA A 285 30.64 -23.67 -31.00
N TRP A 286 30.72 -24.72 -31.83
CA TRP A 286 29.75 -24.92 -32.89
C TRP A 286 28.32 -24.95 -32.36
N MET A 287 28.16 -25.47 -31.14
CA MET A 287 26.87 -25.49 -30.48
C MET A 287 26.35 -24.07 -30.35
N PHE A 288 27.21 -23.17 -29.89
CA PHE A 288 26.84 -21.77 -29.69
C PHE A 288 26.60 -21.02 -30.99
N ILE A 289 27.36 -21.37 -32.02
CA ILE A 289 27.22 -20.71 -33.32
C ILE A 289 25.87 -21.07 -33.95
N CYS A 290 25.38 -22.26 -33.62
CA CYS A 290 24.06 -22.68 -34.10
C CYS A 290 22.94 -21.98 -33.33
N ILE A 291 23.13 -21.80 -32.03
CA ILE A 291 22.16 -21.10 -31.21
C ILE A 291 22.12 -19.61 -31.57
N GLY A 292 23.29 -19.00 -31.66
CA GLY A 292 23.41 -17.57 -31.87
C GLY A 292 22.99 -17.06 -33.23
N TRP A 293 23.47 -17.70 -34.28
CA TRP A 293 23.21 -17.24 -35.64
C TRP A 293 22.24 -18.13 -36.41
N GLY A 294 22.19 -19.41 -36.06
CA GLY A 294 21.44 -20.38 -36.84
C GLY A 294 19.99 -20.58 -36.44
N VAL A 295 19.65 -20.24 -35.20
CA VAL A 295 18.28 -20.35 -34.71
C VAL A 295 17.42 -19.10 -34.96
N PRO A 296 18.00 -17.89 -34.85
CA PRO A 296 17.21 -16.72 -35.22
C PRO A 296 16.61 -16.75 -36.63
N PHE A 297 17.19 -17.49 -37.56
CA PHE A 297 16.68 -17.49 -38.93
C PHE A 297 15.31 -18.21 -39.14
N PRO A 298 15.14 -19.46 -38.66
CA PRO A 298 13.81 -20.08 -38.76
C PRO A 298 12.75 -19.28 -38.01
N ILE A 299 13.17 -18.57 -36.97
CA ILE A 299 12.28 -17.73 -36.19
C ILE A 299 11.76 -16.60 -37.06
N ILE A 300 12.66 -15.97 -37.80
CA ILE A 300 12.29 -14.87 -38.66
C ILE A 300 11.48 -15.37 -39.86
N VAL A 301 11.85 -16.55 -40.36
CA VAL A 301 11.15 -17.18 -41.48
C VAL A 301 9.67 -17.38 -41.16
N ALA A 302 9.39 -17.90 -39.97
CA ALA A 302 8.01 -18.06 -39.51
C ALA A 302 7.30 -16.71 -39.34
N TRP A 303 8.04 -15.72 -38.85
CA TRP A 303 7.51 -14.37 -38.63
C TRP A 303 7.19 -13.66 -39.94
N ALA A 304 7.94 -14.02 -40.99
CA ALA A 304 7.71 -13.45 -42.31
C ALA A 304 6.35 -13.88 -42.86
N ILE A 305 6.06 -15.17 -42.77
CA ILE A 305 4.78 -15.72 -43.21
C ILE A 305 3.63 -15.09 -42.43
N GLY A 306 3.80 -14.97 -41.11
CA GLY A 306 2.80 -14.32 -40.28
C GLY A 306 2.53 -12.89 -40.73
N LYS A 307 3.59 -12.18 -41.10
CA LYS A 307 3.46 -10.84 -41.67
C LYS A 307 2.80 -10.88 -43.04
N LEU A 308 3.07 -11.92 -43.81
CA LEU A 308 2.43 -12.08 -45.10
C LEU A 308 0.90 -12.05 -44.98
N TYR A 309 0.35 -13.01 -44.23
CA TYR A 309 -1.10 -13.17 -44.15
C TYR A 309 -1.75 -12.08 -43.31
N TYR A 310 -1.47 -12.11 -42.02
CA TYR A 310 -2.18 -11.29 -41.05
C TYR A 310 -1.89 -9.79 -41.16
N ASP A 311 -0.61 -9.41 -41.20
CA ASP A 311 -0.22 -7.99 -41.18
C ASP A 311 0.89 -7.69 -42.20
N ASN A 312 0.50 -7.38 -43.43
CA ASN A 312 1.48 -7.14 -44.50
C ASN A 312 1.70 -5.66 -44.70
N GLU A 313 1.85 -4.94 -43.61
CA GLU A 313 1.73 -3.50 -43.70
C GLU A 313 3.01 -2.73 -43.36
N LYS A 314 3.28 -1.70 -44.16
CA LYS A 314 4.38 -0.78 -43.88
C LYS A 314 5.70 -1.52 -43.67
N CYS A 315 6.11 -2.28 -44.68
CA CYS A 315 7.36 -3.05 -44.64
C CYS A 315 7.54 -3.89 -43.37
N TRP A 316 6.42 -4.35 -42.84
CA TRP A 316 6.36 -5.18 -41.63
C TRP A 316 6.80 -4.41 -40.38
N ALA A 317 7.00 -3.11 -40.52
CA ALA A 317 7.41 -2.26 -39.41
C ALA A 317 6.20 -1.54 -38.85
N GLY A 318 5.13 -1.55 -39.62
CA GLY A 318 3.88 -0.96 -39.20
C GLY A 318 3.20 -1.81 -38.16
N LYS A 319 2.45 -1.14 -37.29
CA LYS A 319 1.73 -1.79 -36.23
C LYS A 319 0.23 -1.70 -36.45
N ARG A 320 -0.38 -2.82 -36.80
CA ARG A 320 -1.82 -2.88 -37.00
C ARG A 320 -2.51 -3.58 -35.86
N PRO A 321 -3.38 -2.84 -35.16
CA PRO A 321 -4.22 -3.52 -34.19
C PRO A 321 -5.36 -4.23 -34.94
N GLY A 322 -5.90 -5.33 -34.42
CA GLY A 322 -5.42 -6.00 -33.23
C GLY A 322 -5.10 -7.46 -33.56
N VAL A 323 -4.24 -7.64 -34.55
CA VAL A 323 -3.61 -8.91 -34.82
C VAL A 323 -2.11 -8.70 -34.64
N TYR A 324 -1.50 -9.49 -33.76
CA TYR A 324 -0.09 -9.30 -33.43
C TYR A 324 0.80 -10.46 -33.89
N THR A 325 1.78 -10.12 -34.73
CA THR A 325 2.65 -11.08 -35.38
C THR A 325 4.06 -10.96 -34.80
N ASP A 326 4.33 -9.82 -34.16
CA ASP A 326 5.65 -9.58 -33.56
C ASP A 326 5.98 -10.57 -32.45
N TYR A 327 4.98 -11.31 -31.97
CA TYR A 327 5.19 -12.31 -30.93
C TYR A 327 5.86 -13.58 -31.44
N ILE A 328 5.88 -13.77 -32.76
CA ILE A 328 6.53 -14.93 -33.34
C ILE A 328 8.03 -14.91 -33.05
N TYR A 329 8.63 -13.73 -33.09
CA TYR A 329 10.06 -13.62 -32.79
C TYR A 329 10.32 -13.09 -31.38
N GLN A 330 9.44 -12.23 -30.89
CA GLN A 330 9.60 -11.70 -29.55
C GLN A 330 9.33 -12.76 -28.49
N GLY A 331 8.47 -13.71 -28.83
CA GLY A 331 8.17 -14.82 -27.94
C GLY A 331 9.42 -15.56 -27.50
N PRO A 332 10.11 -16.22 -28.45
CA PRO A 332 11.38 -16.91 -28.20
C PRO A 332 12.39 -16.04 -27.46
N MET A 333 12.44 -14.75 -27.80
CA MET A 333 13.32 -13.82 -27.12
C MET A 333 12.95 -13.74 -25.64
N ALA A 334 11.66 -13.66 -25.37
CA ALA A 334 11.16 -13.59 -24.00
C ALA A 334 11.39 -14.91 -23.26
N LEU A 335 11.26 -16.01 -23.99
CA LEU A 335 11.52 -17.33 -23.43
C LEU A 335 12.98 -17.46 -23.04
N VAL A 336 13.85 -17.07 -23.96
CA VAL A 336 15.29 -17.13 -23.75
C VAL A 336 15.74 -16.25 -22.57
N LEU A 337 15.13 -15.08 -22.46
CA LEU A 337 15.38 -14.20 -21.33
C LEU A 337 14.92 -14.86 -20.04
N LEU A 338 13.79 -15.56 -20.12
CA LEU A 338 13.25 -16.29 -18.97
C LEU A 338 14.21 -17.39 -18.49
N ILE A 339 14.67 -18.23 -19.42
CA ILE A 339 15.59 -19.31 -19.09
C ILE A 339 16.85 -18.79 -18.41
N ASN A 340 17.32 -17.65 -18.90
CA ASN A 340 18.52 -17.02 -18.38
C ASN A 340 18.32 -16.49 -16.96
N PHE A 341 17.07 -16.12 -16.68
CA PHE A 341 16.69 -15.68 -15.34
C PHE A 341 16.79 -16.84 -14.37
N ILE A 342 16.24 -17.98 -14.77
CA ILE A 342 16.33 -19.21 -14.00
C ILE A 342 17.79 -19.54 -13.73
N PHE A 343 18.63 -19.43 -14.77
CA PHE A 343 20.07 -19.64 -14.63
C PHE A 343 20.68 -18.70 -13.61
N LEU A 344 20.44 -17.41 -13.80
CA LEU A 344 21.01 -16.38 -12.92
C LEU A 344 20.69 -16.65 -11.46
N PHE A 345 19.42 -16.91 -11.15
CA PHE A 345 19.04 -17.15 -9.76
C PHE A 345 19.31 -18.58 -9.31
N ASN A 346 19.64 -19.45 -10.26
CA ASN A 346 20.13 -20.78 -9.94
C ASN A 346 21.57 -20.63 -9.43
N ILE A 347 22.33 -19.78 -10.11
CA ILE A 347 23.71 -19.50 -9.73
C ILE A 347 23.77 -18.94 -8.33
N VAL A 348 22.92 -17.95 -8.04
CA VAL A 348 22.89 -17.27 -6.75
C VAL A 348 22.62 -18.23 -5.59
N ARG A 349 21.71 -19.17 -5.80
CA ARG A 349 21.41 -20.20 -4.81
C ARG A 349 22.68 -20.98 -4.47
N ILE A 350 23.51 -21.21 -5.47
CA ILE A 350 24.78 -21.92 -5.27
C ILE A 350 25.82 -20.97 -4.67
N LEU A 351 25.77 -19.70 -5.10
CA LEU A 351 26.71 -18.71 -4.61
C LEU A 351 26.50 -18.39 -3.13
N MET A 352 25.28 -18.05 -2.78
CA MET A 352 24.99 -17.61 -1.42
C MET A 352 25.02 -18.73 -0.39
N THR A 353 24.54 -19.91 -0.79
CA THR A 353 24.45 -21.04 0.14
C THR A 353 25.71 -21.88 0.20
N LYS A 354 25.97 -22.66 -0.84
CA LYS A 354 26.99 -23.71 -0.81
C LYS A 354 28.40 -23.24 -1.21
N LEU A 355 28.58 -21.93 -1.34
CA LEU A 355 29.89 -21.39 -1.69
C LEU A 355 30.19 -20.10 -0.93
N ARG A 356 29.41 -19.84 0.11
CA ARG A 356 29.62 -18.65 0.94
C ARG A 356 30.99 -18.67 1.62
N ALA A 357 31.36 -19.83 2.16
CA ALA A 357 32.61 -19.98 2.90
C ALA A 357 33.84 -19.88 1.99
N SER A 358 33.70 -20.39 0.77
CA SER A 358 34.84 -20.51 -0.14
C SER A 358 35.36 -19.17 -0.67
N THR A 359 36.70 -19.07 -0.78
CA THR A 359 37.33 -17.94 -1.44
C THR A 359 38.48 -18.49 -2.30
N THR A 360 38.21 -18.73 -3.58
CA THR A 360 39.21 -19.31 -4.47
C THR A 360 39.40 -18.48 -5.74
N SER A 361 40.14 -19.02 -6.70
CA SER A 361 40.37 -18.34 -7.98
C SER A 361 39.06 -18.27 -8.75
N GLU A 362 38.39 -19.40 -8.85
CA GLU A 362 37.11 -19.47 -9.57
C GLU A 362 36.02 -18.66 -8.89
N THR A 363 36.03 -18.65 -7.56
CA THR A 363 34.99 -17.95 -6.82
C THR A 363 35.04 -16.44 -6.98
N ILE A 364 36.24 -15.86 -6.85
CA ILE A 364 36.41 -14.42 -6.99
C ILE A 364 35.93 -14.03 -8.37
N GLN A 365 36.30 -14.87 -9.33
CA GLN A 365 35.88 -14.65 -10.69
C GLN A 365 34.45 -15.07 -10.89
N ALA A 366 33.87 -15.81 -9.94
CA ALA A 366 32.45 -16.19 -10.09
C ALA A 366 31.51 -15.05 -9.67
N ARG A 367 31.80 -14.46 -8.52
CA ARG A 367 30.95 -13.41 -7.97
C ARG A 367 31.10 -12.12 -8.75
N LYS A 368 32.28 -11.88 -9.29
CA LYS A 368 32.49 -10.68 -10.09
C LYS A 368 31.77 -10.76 -11.43
N ALA A 369 31.35 -11.95 -11.81
CA ALA A 369 30.62 -12.15 -13.06
C ALA A 369 29.13 -11.88 -12.86
N VAL A 370 28.61 -12.34 -11.74
CA VAL A 370 27.19 -12.17 -11.43
C VAL A 370 26.92 -10.71 -11.08
N LYS A 371 27.91 -10.05 -10.49
CA LYS A 371 27.80 -8.62 -10.21
C LYS A 371 27.58 -7.88 -11.50
N ALA A 372 28.38 -8.20 -12.51
CA ALA A 372 28.27 -7.58 -13.82
C ALA A 372 26.93 -7.87 -14.47
N THR A 373 26.51 -9.13 -14.42
CA THR A 373 25.25 -9.55 -15.01
C THR A 373 24.06 -8.91 -14.29
N LEU A 374 24.28 -8.54 -13.03
CA LEU A 374 23.25 -7.85 -12.25
C LEU A 374 23.26 -6.35 -12.48
N VAL A 375 24.40 -5.82 -12.90
CA VAL A 375 24.51 -4.39 -13.21
C VAL A 375 23.97 -4.12 -14.61
N LEU A 376 24.26 -5.04 -15.52
CA LEU A 376 23.91 -4.90 -16.92
C LEU A 376 22.41 -5.04 -17.14
N LEU A 377 21.83 -6.00 -16.44
CA LEU A 377 20.41 -6.35 -16.60
C LEU A 377 19.44 -5.16 -16.56
N PRO A 378 19.56 -4.26 -15.55
CA PRO A 378 18.67 -3.09 -15.57
C PRO A 378 18.88 -2.21 -16.81
N LEU A 379 20.13 -1.95 -17.15
CA LEU A 379 20.46 -1.05 -18.24
C LEU A 379 19.86 -1.51 -19.56
N LEU A 380 20.01 -2.80 -19.86
CA LEU A 380 19.41 -3.37 -21.06
C LEU A 380 17.92 -3.59 -20.85
N GLY A 381 17.59 -4.16 -19.69
CA GLY A 381 16.23 -4.62 -19.42
C GLY A 381 15.15 -3.56 -19.31
N ILE A 382 15.51 -2.36 -18.90
CA ILE A 382 14.52 -1.29 -18.69
C ILE A 382 13.74 -0.95 -19.95
N THR A 383 14.44 -0.70 -21.06
CA THR A 383 13.82 -0.30 -22.32
C THR A 383 12.67 -1.22 -22.73
N TYR A 384 12.86 -2.52 -22.49
CA TYR A 384 11.84 -3.52 -22.79
C TYR A 384 10.73 -3.51 -21.73
N MET A 385 11.10 -3.20 -20.49
CA MET A 385 10.15 -3.18 -19.39
C MET A 385 9.15 -2.04 -19.56
N LEU A 386 9.67 -0.86 -19.88
CA LEU A 386 8.85 0.34 -20.07
C LEU A 386 7.83 0.20 -21.20
N ALA A 387 8.22 -0.52 -22.26
CA ALA A 387 7.38 -0.72 -23.43
C ALA A 387 5.95 -1.14 -23.08
N PHE A 388 5.82 -2.06 -22.12
CA PHE A 388 4.53 -2.63 -21.72
C PHE A 388 3.54 -1.63 -21.13
N VAL A 389 4.05 -0.49 -20.67
CA VAL A 389 3.25 0.46 -19.91
C VAL A 389 3.49 1.90 -20.36
N ASN A 390 2.41 2.70 -20.36
CA ASN A 390 2.50 4.07 -20.85
C ASN A 390 2.10 5.06 -19.78
N PRO A 391 2.49 6.33 -19.97
CA PRO A 391 1.77 7.34 -19.20
C PRO A 391 0.36 7.41 -19.81
N GLY A 392 -0.67 7.55 -18.97
CA GLY A 392 -0.52 7.77 -17.55
C GLY A 392 -0.86 9.21 -17.28
N GLU A 393 -0.01 9.91 -16.53
CA GLU A 393 -0.13 11.34 -16.35
C GLU A 393 -0.06 12.08 -17.69
N ASP A 394 0.80 11.58 -18.58
CA ASP A 394 0.94 12.13 -19.93
C ASP A 394 1.40 13.58 -19.83
N GLU A 395 2.29 13.82 -18.86
CA GLU A 395 2.52 15.16 -18.36
C GLU A 395 3.85 15.77 -18.82
N VAL A 396 4.86 15.60 -17.96
CA VAL A 396 6.27 15.76 -18.24
C VAL A 396 6.90 14.36 -18.27
N SER A 397 6.37 13.52 -17.40
CA SER A 397 6.73 12.09 -17.32
C SER A 397 6.73 11.44 -18.69
N ARG A 398 5.72 11.76 -19.48
CA ARG A 398 5.68 11.33 -20.87
C ARG A 398 6.94 11.73 -21.62
N VAL A 399 7.40 12.97 -21.44
CA VAL A 399 8.69 13.42 -22.01
C VAL A 399 9.82 12.58 -21.44
N VAL A 400 9.85 12.48 -20.11
CA VAL A 400 10.88 11.71 -19.41
C VAL A 400 10.94 10.28 -19.93
N PHE A 401 9.84 9.55 -19.79
CA PHE A 401 9.69 8.20 -20.35
C PHE A 401 10.28 8.12 -21.75
N ILE A 402 9.88 9.07 -22.59
CA ILE A 402 10.31 9.11 -23.98
C ILE A 402 11.80 9.50 -24.11
N TYR A 403 12.22 10.51 -23.35
CA TYR A 403 13.60 10.99 -23.41
C TYR A 403 14.58 10.08 -22.66
N PHE A 404 14.07 9.38 -21.65
CA PHE A 404 14.86 8.38 -20.95
C PHE A 404 15.16 7.24 -21.92
N ASN A 405 14.18 6.92 -22.75
CA ASN A 405 14.24 5.75 -23.62
C ASN A 405 15.42 5.77 -24.58
N ALA A 406 15.62 6.92 -25.23
CA ALA A 406 16.68 7.10 -26.23
C ALA A 406 18.06 6.87 -25.62
N PHE A 407 18.34 7.53 -24.51
CA PHE A 407 19.62 7.36 -23.86
C PHE A 407 19.97 5.88 -23.65
N LEU A 408 19.00 5.13 -23.13
CA LEU A 408 19.20 3.74 -22.78
C LEU A 408 19.37 2.80 -23.97
N GLU A 409 18.51 2.93 -24.98
CA GLU A 409 18.57 2.02 -26.13
C GLU A 409 19.75 2.38 -27.01
N SER A 410 20.12 3.66 -27.01
CA SER A 410 21.25 4.16 -27.78
C SER A 410 22.58 3.66 -27.24
N PHE A 411 22.73 3.65 -25.91
CA PHE A 411 24.00 3.34 -25.26
C PHE A 411 24.16 1.87 -24.88
N GLN A 412 23.28 1.02 -25.39
CA GLN A 412 23.39 -0.42 -25.17
C GLN A 412 24.76 -0.92 -25.60
N GLY A 413 25.16 -0.53 -26.81
CA GLY A 413 26.47 -0.87 -27.33
C GLY A 413 27.59 -0.60 -26.35
N PHE A 414 27.59 0.61 -25.79
CA PHE A 414 28.60 0.99 -24.81
C PHE A 414 28.54 0.13 -23.58
N PHE A 415 27.33 -0.11 -23.09
CA PHE A 415 27.13 -0.98 -21.93
C PHE A 415 27.74 -2.37 -22.19
N VAL A 416 27.40 -2.94 -23.35
CA VAL A 416 27.81 -4.29 -23.73
C VAL A 416 29.31 -4.32 -24.01
N SER A 417 29.83 -3.24 -24.59
CA SER A 417 31.26 -3.13 -24.89
C SER A 417 32.13 -3.19 -23.62
N VAL A 418 31.70 -2.52 -22.55
CA VAL A 418 32.47 -2.54 -21.31
C VAL A 418 32.27 -3.83 -20.52
N PHE A 419 31.03 -4.30 -20.47
CA PHE A 419 30.68 -5.56 -19.82
C PHE A 419 31.51 -6.71 -20.33
N ALA A 420 31.64 -6.80 -21.65
CA ALA A 420 32.48 -7.82 -22.27
C ALA A 420 33.95 -7.55 -21.99
N CYS A 421 34.33 -6.26 -21.99
CA CYS A 421 35.70 -5.88 -21.64
C CYS A 421 35.95 -5.99 -20.13
N PHE A 422 34.87 -5.98 -19.34
CA PHE A 422 34.95 -6.24 -17.90
C PHE A 422 35.33 -7.70 -17.66
N LEU A 423 34.81 -8.58 -18.50
CA LEU A 423 35.05 -10.01 -18.35
C LEU A 423 36.46 -10.41 -18.76
N ASN A 424 37.21 -9.46 -19.33
CA ASN A 424 38.63 -9.67 -19.57
C ASN A 424 39.45 -9.38 -18.32
N SER A 425 38.90 -8.54 -17.45
CA SER A 425 39.50 -8.26 -16.15
C SER A 425 39.09 -9.35 -15.18
N GLU A 426 37.85 -9.80 -15.34
CA GLU A 426 37.29 -10.81 -14.45
C GLU A 426 38.05 -12.12 -14.54
N VAL A 427 38.50 -12.49 -15.74
CA VAL A 427 39.15 -13.80 -15.93
C VAL A 427 40.26 -14.10 -14.92
N ARG A 428 41.15 -13.15 -14.66
CA ARG A 428 42.15 -13.24 -13.59
C ARG A 428 42.61 -11.83 -13.21
N SER A 429 42.61 -11.52 -11.91
CA SER A 429 43.12 -10.22 -11.41
C SER A 429 43.30 -10.22 -9.89
N LYS B 11 18.00 -6.66 30.88
CA LYS B 11 16.78 -7.06 31.56
C LYS B 11 16.08 -5.87 32.20
N VAL B 12 16.88 -4.92 32.68
CA VAL B 12 16.38 -3.73 33.37
C VAL B 12 15.32 -2.98 32.58
N HIS B 13 15.70 -2.56 31.36
CA HIS B 13 14.78 -1.88 30.46
C HIS B 13 13.60 -2.76 30.03
N TYR B 14 13.93 -3.91 29.43
CA TYR B 14 12.95 -4.92 29.00
C TYR B 14 11.86 -5.19 30.04
N HIS B 15 12.25 -5.23 31.31
CA HIS B 15 11.32 -5.40 32.43
C HIS B 15 10.30 -4.27 32.48
N VAL B 16 10.79 -3.04 32.37
CA VAL B 16 9.91 -1.87 32.38
C VAL B 16 9.14 -1.77 31.06
N ALA B 17 9.83 -2.05 29.96
CA ALA B 17 9.22 -2.01 28.63
C ALA B 17 8.08 -3.02 28.50
N ALA B 18 8.07 -4.00 29.39
CA ALA B 18 7.01 -5.01 29.45
C ALA B 18 5.71 -4.42 29.98
N ILE B 19 5.80 -3.68 31.09
CA ILE B 19 4.63 -3.07 31.70
C ILE B 19 3.95 -2.09 30.74
N ILE B 20 4.74 -1.18 30.17
CA ILE B 20 4.25 -0.22 29.20
C ILE B 20 3.51 -0.93 28.08
N ASN B 21 4.15 -1.93 27.50
CA ASN B 21 3.55 -2.75 26.47
C ASN B 21 2.21 -3.30 26.93
N TYR B 22 2.19 -3.79 28.16
CA TYR B 22 1.05 -4.48 28.72
C TYR B 22 -0.11 -3.51 28.98
N LEU B 23 0.21 -2.31 29.44
CA LEU B 23 -0.80 -1.29 29.72
C LEU B 23 -1.54 -0.82 28.48
N GLY B 24 -0.79 -0.55 27.42
CA GLY B 24 -1.36 -0.06 26.18
C GLY B 24 -2.24 -1.08 25.47
N HIS B 25 -1.91 -2.36 25.64
CA HIS B 25 -2.69 -3.43 25.03
C HIS B 25 -4.09 -3.52 25.63
N CYS B 26 -4.18 -3.34 26.94
CA CYS B 26 -5.47 -3.28 27.63
C CYS B 26 -6.28 -2.10 27.12
N ILE B 27 -5.63 -0.95 27.00
CA ILE B 27 -6.27 0.26 26.51
C ILE B 27 -6.84 0.03 25.12
N SER B 28 -6.01 -0.53 24.25
CA SER B 28 -6.38 -0.75 22.85
C SER B 28 -7.55 -1.72 22.74
N LEU B 29 -7.59 -2.70 23.62
CA LEU B 29 -8.60 -3.75 23.51
C LEU B 29 -9.98 -3.23 23.88
N VAL B 30 -10.04 -2.39 24.90
CA VAL B 30 -11.29 -1.77 25.29
C VAL B 30 -11.72 -0.73 24.26
N ALA B 31 -10.74 -0.09 23.63
CA ALA B 31 -11.01 0.82 22.52
C ALA B 31 -11.55 0.05 21.32
N LEU B 32 -10.92 -1.08 21.03
CA LEU B 32 -11.34 -1.92 19.92
C LEU B 32 -12.71 -2.55 20.19
N LEU B 33 -12.97 -2.85 21.45
CA LEU B 33 -14.23 -3.47 21.81
C LEU B 33 -15.41 -2.51 21.67
N VAL B 34 -15.27 -1.31 22.23
CA VAL B 34 -16.36 -0.35 22.20
C VAL B 34 -16.75 -0.04 20.77
N ALA B 35 -15.74 0.17 19.93
CA ALA B 35 -15.96 0.42 18.51
C ALA B 35 -16.71 -0.75 17.86
N PHE B 36 -16.30 -1.97 18.19
CA PHE B 36 -16.93 -3.16 17.65
C PHE B 36 -18.40 -3.20 18.05
N VAL B 37 -18.67 -2.83 19.31
CA VAL B 37 -20.03 -2.75 19.80
C VAL B 37 -20.86 -1.73 19.01
N LEU B 38 -20.35 -0.51 18.90
CA LEU B 38 -21.03 0.56 18.17
C LEU B 38 -21.38 0.14 16.75
N PHE B 39 -20.42 -0.51 16.10
CA PHE B 39 -20.58 -0.96 14.72
C PHE B 39 -21.70 -1.99 14.58
N LEU B 40 -21.72 -2.96 15.48
CA LEU B 40 -22.77 -3.98 15.49
C LEU B 40 -24.15 -3.40 15.80
N ARG B 41 -24.18 -2.42 16.70
CA ARG B 41 -25.42 -1.76 17.08
C ARG B 41 -26.02 -0.96 15.94
N ALA B 42 -25.16 -0.31 15.16
CA ALA B 42 -25.60 0.62 14.12
C ALA B 42 -26.51 0.00 13.06
N ARG B 43 -27.45 0.80 12.58
CA ARG B 43 -28.36 0.38 11.50
C ARG B 43 -27.58 0.11 10.23
N SER B 44 -26.47 0.84 10.05
CA SER B 44 -25.68 0.83 8.82
C SER B 44 -25.01 -0.51 8.47
N ILE B 45 -24.70 -1.31 9.50
CA ILE B 45 -24.00 -2.58 9.37
C ILE B 45 -24.45 -3.47 8.20
N ARG B 46 -25.68 -3.28 7.77
CA ARG B 46 -26.17 -3.84 6.51
C ARG B 46 -25.31 -3.40 5.31
N CYS B 47 -24.63 -2.26 5.43
CA CYS B 47 -23.77 -1.77 4.35
C CYS B 47 -22.42 -2.47 4.29
N LEU B 48 -21.87 -2.57 3.08
CA LEU B 48 -20.59 -3.22 2.84
C LEU B 48 -19.48 -2.51 3.60
N ARG B 49 -19.56 -1.19 3.61
CA ARG B 49 -18.59 -0.34 4.27
C ARG B 49 -18.41 -0.78 5.71
N ASN B 50 -19.51 -1.03 6.39
CA ASN B 50 -19.46 -1.37 7.81
C ASN B 50 -19.25 -2.84 8.07
N ILE B 51 -19.63 -3.67 7.12
CA ILE B 51 -19.34 -5.09 7.24
C ILE B 51 -17.83 -5.27 7.26
N ILE B 52 -17.14 -4.46 6.47
CA ILE B 52 -15.68 -4.54 6.35
C ILE B 52 -15.01 -3.98 7.59
N HIS B 53 -15.48 -2.83 8.07
CA HIS B 53 -14.94 -2.23 9.28
C HIS B 53 -15.09 -3.17 10.46
N ALA B 54 -16.28 -3.75 10.61
CA ALA B 54 -16.56 -4.66 11.71
C ALA B 54 -15.65 -5.87 11.68
N ASN B 55 -15.40 -6.39 10.48
CA ASN B 55 -14.50 -7.52 10.34
C ASN B 55 -13.07 -7.15 10.67
N LEU B 56 -12.66 -5.97 10.20
CA LEU B 56 -11.32 -5.44 10.44
C LEU B 56 -11.05 -5.31 11.94
N ILE B 57 -12.00 -4.72 12.66
CA ILE B 57 -11.89 -4.57 14.10
C ILE B 57 -11.84 -5.92 14.81
N ALA B 58 -12.75 -6.81 14.44
CA ALA B 58 -12.76 -8.18 14.96
C ALA B 58 -11.40 -8.85 14.73
N ALA B 59 -10.85 -8.65 13.53
CA ALA B 59 -9.55 -9.22 13.17
C ALA B 59 -8.45 -8.71 14.09
N PHE B 60 -8.52 -7.43 14.41
CA PHE B 60 -7.54 -6.79 15.27
C PHE B 60 -7.76 -7.06 16.75
N ILE B 61 -9.01 -7.28 17.13
CA ILE B 61 -9.33 -7.63 18.51
C ILE B 61 -8.69 -8.97 18.86
N LEU B 62 -8.94 -9.94 18.01
CA LEU B 62 -8.47 -11.30 18.23
C LEU B 62 -6.96 -11.35 18.38
N ARG B 63 -6.26 -10.42 17.74
CA ARG B 63 -4.82 -10.38 17.85
C ARG B 63 -4.36 -9.79 19.17
N ASN B 64 -5.09 -8.80 19.66
CA ASN B 64 -4.81 -8.18 20.95
C ASN B 64 -5.16 -9.10 22.10
N ALA B 65 -6.26 -9.82 21.97
CA ALA B 65 -6.63 -10.78 22.99
C ALA B 65 -5.60 -11.90 23.08
N THR B 66 -5.07 -12.30 21.91
CA THR B 66 -4.09 -13.38 21.84
C THR B 66 -2.78 -13.01 22.53
N TRP B 67 -2.45 -11.72 22.46
CA TRP B 67 -1.21 -11.22 23.02
C TRP B 67 -1.08 -11.57 24.49
N PHE B 68 -2.20 -11.47 25.20
CA PHE B 68 -2.20 -11.79 26.62
C PHE B 68 -1.92 -13.27 26.84
N VAL B 69 -2.40 -14.09 25.92
CA VAL B 69 -2.22 -15.54 26.02
C VAL B 69 -0.78 -15.92 25.73
N VAL B 70 -0.21 -15.29 24.70
CA VAL B 70 1.17 -15.52 24.30
C VAL B 70 2.09 -15.17 25.46
N GLN B 71 1.75 -14.11 26.19
CA GLN B 71 2.55 -13.67 27.33
C GLN B 71 2.61 -14.73 28.43
N LEU B 72 1.59 -15.57 28.49
CA LEU B 72 1.58 -16.65 29.48
C LEU B 72 2.49 -17.81 29.05
N THR B 73 2.67 -17.98 27.74
CA THR B 73 3.60 -18.98 27.22
C THR B 73 4.91 -18.32 26.80
N MET B 74 5.28 -17.28 27.53
CA MET B 74 6.54 -16.57 27.32
C MET B 74 7.58 -17.04 28.34
N SER B 75 7.14 -17.79 29.36
CA SER B 75 8.07 -18.25 30.39
C SER B 75 9.13 -19.14 29.74
N PRO B 76 10.35 -19.11 30.31
CA PRO B 76 11.49 -19.84 29.74
C PRO B 76 11.23 -21.34 29.70
N GLU B 77 10.70 -21.90 30.78
CA GLU B 77 10.36 -23.33 30.83
C GLU B 77 9.41 -23.79 29.73
N VAL B 78 8.25 -23.16 29.60
CA VAL B 78 7.32 -23.50 28.50
C VAL B 78 7.99 -23.34 27.15
N HIS B 79 8.64 -22.19 26.96
CA HIS B 79 9.38 -21.88 25.74
C HIS B 79 10.41 -22.95 25.38
N GLN B 80 11.16 -23.42 26.39
CA GLN B 80 12.11 -24.51 26.22
C GLN B 80 11.42 -25.80 25.75
N SER B 81 10.29 -26.11 26.36
CA SER B 81 9.39 -27.13 25.81
C SER B 81 8.82 -26.68 24.45
N ASN B 82 8.61 -27.63 23.55
CA ASN B 82 8.03 -27.28 22.26
C ASN B 82 6.70 -28.01 22.13
N VAL B 83 5.84 -27.76 23.12
CA VAL B 83 4.56 -28.44 23.22
C VAL B 83 3.66 -27.96 22.08
N GLY B 84 2.70 -28.81 21.71
CA GLY B 84 1.76 -28.53 20.64
C GLY B 84 1.03 -27.20 20.72
N TRP B 85 0.25 -27.00 21.78
CA TRP B 85 -0.54 -25.77 21.94
C TRP B 85 0.31 -24.50 21.98
N CYS B 86 1.47 -24.58 22.63
CA CYS B 86 2.42 -23.47 22.64
C CYS B 86 2.79 -23.06 21.22
N ARG B 87 2.95 -24.06 20.36
CA ARG B 87 3.13 -23.82 18.94
C ARG B 87 1.83 -23.32 18.31
N LEU B 88 0.73 -23.99 18.65
CA LEU B 88 -0.61 -23.65 18.15
C LEU B 88 -1.02 -22.22 18.47
N VAL B 89 -0.77 -21.81 19.71
CA VAL B 89 -1.07 -20.46 20.17
C VAL B 89 -0.31 -19.43 19.34
N THR B 90 0.94 -19.73 19.04
CA THR B 90 1.78 -18.88 18.22
C THR B 90 1.25 -18.81 16.78
N ALA B 91 0.79 -19.95 16.28
CA ALA B 91 0.23 -20.03 14.94
C ALA B 91 -1.00 -19.16 14.82
N ALA B 92 -1.83 -19.21 15.86
CA ALA B 92 -3.05 -18.42 15.91
C ALA B 92 -2.71 -16.93 15.89
N TYR B 93 -1.71 -16.57 16.68
CA TYR B 93 -1.25 -15.20 16.77
C TYR B 93 -0.78 -14.69 15.40
N ASN B 94 -0.03 -15.53 14.71
CA ASN B 94 0.49 -15.18 13.39
C ASN B 94 -0.58 -15.22 12.31
N TYR B 95 -1.52 -16.13 12.45
CA TYR B 95 -2.68 -16.17 11.56
C TYR B 95 -3.41 -14.84 11.63
N PHE B 96 -3.62 -14.35 12.85
CA PHE B 96 -4.22 -13.05 13.05
C PHE B 96 -3.38 -11.94 12.42
N HIS B 97 -2.06 -12.09 12.42
CA HIS B 97 -1.20 -11.06 11.85
C HIS B 97 -1.49 -10.91 10.36
N VAL B 98 -1.64 -12.05 9.70
CA VAL B 98 -1.91 -12.07 8.29
C VAL B 98 -3.32 -11.50 8.09
N THR B 99 -4.20 -11.83 9.03
CA THR B 99 -5.59 -11.39 8.96
C THR B 99 -5.67 -9.86 9.03
N ASN B 100 -4.83 -9.27 9.89
CA ASN B 100 -4.73 -7.83 10.00
C ASN B 100 -4.38 -7.18 8.67
N PHE B 101 -3.24 -7.57 8.10
CA PHE B 101 -2.77 -7.04 6.84
C PHE B 101 -3.78 -7.24 5.71
N PHE B 102 -4.38 -8.42 5.66
CA PHE B 102 -5.32 -8.78 4.60
C PHE B 102 -6.66 -8.06 4.70
N TRP B 103 -7.03 -7.65 5.91
CA TRP B 103 -8.27 -6.90 6.08
C TRP B 103 -8.04 -5.40 5.85
N MET B 104 -6.81 -4.97 6.08
CA MET B 104 -6.41 -3.63 5.71
C MET B 104 -6.44 -3.51 4.21
N PHE B 105 -6.11 -4.63 3.56
CA PHE B 105 -6.14 -4.73 2.12
C PHE B 105 -7.58 -4.59 1.62
N GLY B 106 -8.50 -5.24 2.31
CA GLY B 106 -9.90 -5.18 1.94
C GLY B 106 -10.38 -3.74 1.88
N GLU B 107 -9.90 -2.93 2.82
CA GLU B 107 -10.22 -1.51 2.85
C GLU B 107 -9.66 -0.82 1.62
N GLY B 108 -8.52 -1.31 1.15
CA GLY B 108 -7.88 -0.75 -0.03
C GLY B 108 -8.71 -0.97 -1.27
N CYS B 109 -9.06 -2.24 -1.52
CA CYS B 109 -9.83 -2.63 -2.68
C CYS B 109 -11.14 -1.86 -2.73
N TYR B 110 -11.79 -1.75 -1.57
CA TYR B 110 -13.03 -1.00 -1.46
C TYR B 110 -12.82 0.45 -1.88
N LEU B 111 -11.82 1.10 -1.29
CA LEU B 111 -11.59 2.51 -1.53
C LEU B 111 -11.14 2.78 -2.95
N HIS B 112 -10.28 1.91 -3.46
CA HIS B 112 -9.77 2.04 -4.81
C HIS B 112 -10.90 2.10 -5.83
N THR B 113 -11.64 1.01 -5.92
CA THR B 113 -12.76 0.91 -6.85
C THR B 113 -13.83 1.99 -6.61
N ALA B 114 -13.98 2.41 -5.36
CA ALA B 114 -14.96 3.42 -5.00
C ALA B 114 -14.73 4.73 -5.73
N ILE B 115 -13.47 5.00 -6.07
CA ILE B 115 -13.14 6.24 -6.75
C ILE B 115 -13.08 6.03 -8.26
N VAL B 116 -12.62 4.87 -8.66
CA VAL B 116 -12.55 4.51 -10.08
C VAL B 116 -13.95 4.33 -10.67
N LEU B 117 -14.77 3.51 -10.01
CA LEU B 117 -16.13 3.26 -10.47
C LEU B 117 -17.01 4.49 -10.26
N THR B 118 -16.59 5.61 -10.81
CA THR B 118 -17.29 6.88 -10.64
C THR B 118 -17.26 7.72 -11.92
N ASN B 119 -17.87 7.19 -12.97
CA ASN B 119 -18.08 7.89 -14.24
C ASN B 119 -18.91 7.05 -15.20
N ILE B 120 -19.35 7.65 -16.31
CA ILE B 120 -20.25 6.97 -17.22
C ILE B 120 -19.57 5.80 -17.94
N PHE B 121 -18.27 5.93 -18.15
CA PHE B 121 -17.50 4.87 -18.80
C PHE B 121 -17.56 3.60 -17.97
N GLU B 122 -17.20 3.73 -16.69
CA GLU B 122 -17.21 2.60 -15.77
C GLU B 122 -18.62 2.05 -15.59
N MET B 123 -19.59 2.96 -15.48
CA MET B 123 -20.98 2.58 -15.34
C MET B 123 -21.41 1.74 -16.53
N LEU B 124 -21.26 2.30 -17.72
CA LEU B 124 -21.73 1.65 -18.93
C LEU B 124 -20.93 0.41 -19.30
N ARG B 125 -19.70 0.29 -18.80
CA ARG B 125 -18.89 -0.87 -19.11
C ARG B 125 -19.21 -2.03 -18.17
N ILE B 126 -19.98 -1.73 -17.13
CA ILE B 126 -20.48 -2.78 -16.25
C ILE B 126 -21.79 -3.29 -16.83
N ASP B 127 -22.66 -2.36 -17.19
CA ASP B 127 -23.97 -2.73 -17.71
C ASP B 127 -23.89 -3.30 -19.11
N GLU B 128 -23.11 -2.64 -19.97
CA GLU B 128 -23.06 -3.02 -21.37
C GLU B 128 -21.81 -3.82 -21.73
N GLY B 129 -20.86 -3.88 -20.82
CA GLY B 129 -19.63 -4.62 -21.04
C GLY B 129 -18.74 -3.98 -22.10
N LEU B 130 -17.51 -4.49 -22.19
CA LEU B 130 -16.55 -4.01 -23.20
C LEU B 130 -15.99 -5.16 -24.00
N ARG B 131 -16.59 -5.43 -25.16
CA ARG B 131 -16.11 -6.45 -26.08
C ARG B 131 -15.45 -5.83 -27.31
N LEU B 132 -14.36 -6.44 -27.75
CA LEU B 132 -13.65 -6.00 -28.96
C LEU B 132 -14.01 -6.91 -30.11
N LYS B 133 -14.97 -7.79 -29.85
CA LYS B 133 -15.41 -8.78 -30.83
C LYS B 133 -16.88 -8.59 -31.14
N ILE B 134 -17.21 -8.53 -32.43
CA ILE B 134 -18.59 -8.38 -32.85
C ILE B 134 -19.45 -9.53 -32.33
N TYR B 135 -20.52 -9.19 -31.61
CA TYR B 135 -21.37 -10.20 -30.98
C TYR B 135 -22.84 -9.83 -31.17
N LYS B 136 -23.69 -10.83 -31.40
CA LYS B 136 -25.13 -10.61 -31.48
C LYS B 136 -25.70 -10.20 -30.11
N ASP B 137 -26.36 -9.05 -30.07
CA ASP B 137 -26.94 -8.49 -28.85
C ASP B 137 -28.08 -9.37 -28.36
N THR B 138 -28.51 -9.12 -27.13
CA THR B 138 -29.65 -9.80 -26.53
C THR B 138 -30.91 -9.65 -27.39
N GLU B 139 -31.04 -8.50 -28.04
CA GLU B 139 -32.15 -8.29 -28.96
C GLU B 139 -31.76 -8.70 -30.38
N GLY B 140 -30.60 -9.32 -30.51
CA GLY B 140 -30.22 -9.98 -31.74
C GLY B 140 -29.51 -9.12 -32.77
N TYR B 141 -29.17 -7.90 -32.39
CA TYR B 141 -28.52 -6.97 -33.31
C TYR B 141 -27.02 -7.00 -33.13
N TYR B 142 -26.28 -6.66 -34.18
CA TYR B 142 -24.82 -6.65 -34.12
C TYR B 142 -24.29 -5.47 -33.34
N THR B 143 -23.44 -5.76 -32.37
CA THR B 143 -22.93 -4.75 -31.47
C THR B 143 -21.45 -5.02 -31.22
N ILE B 144 -20.70 -3.95 -30.98
CA ILE B 144 -19.29 -4.09 -30.66
C ILE B 144 -18.93 -2.96 -29.70
N GLY B 145 -17.81 -3.09 -29.00
CA GLY B 145 -17.40 -2.09 -28.05
C GLY B 145 -18.32 -2.07 -26.85
N ILE B 146 -18.49 -0.90 -26.25
CA ILE B 146 -19.40 -0.75 -25.13
C ILE B 146 -20.80 -0.41 -25.63
N GLY B 147 -21.52 -1.43 -26.08
CA GLY B 147 -22.88 -1.25 -26.55
C GLY B 147 -23.04 -0.33 -27.74
N HIS B 148 -22.09 -0.39 -28.68
CA HIS B 148 -22.21 0.38 -29.91
C HIS B 148 -22.97 -0.40 -30.96
N LEU B 149 -24.22 -0.02 -31.17
CA LEU B 149 -25.06 -0.70 -32.15
C LEU B 149 -24.52 -0.46 -33.57
N LEU B 150 -23.99 -1.52 -34.17
CA LEU B 150 -23.43 -1.42 -35.52
C LEU B 150 -24.53 -1.30 -36.56
N THR B 151 -25.47 -2.24 -36.52
CA THR B 151 -26.57 -2.27 -37.48
C THR B 151 -27.71 -3.21 -37.03
N LYS B 152 -28.84 -3.14 -37.74
CA LYS B 152 -29.98 -4.01 -37.49
C LYS B 152 -30.03 -5.17 -38.48
N SER B 153 -29.28 -5.06 -39.57
CA SER B 153 -29.23 -6.08 -40.61
C SER B 153 -28.55 -7.36 -40.12
N PRO B 154 -29.01 -8.52 -40.61
CA PRO B 154 -28.42 -9.83 -40.30
C PRO B 154 -26.99 -9.98 -40.81
N SER B 155 -26.72 -9.54 -42.04
CA SER B 155 -25.42 -9.73 -42.68
C SER B 155 -24.22 -9.33 -41.83
N LEU B 156 -23.21 -10.17 -41.83
CA LEU B 156 -21.98 -9.89 -41.11
C LEU B 156 -21.22 -8.77 -41.80
N SER B 157 -21.30 -8.77 -43.12
CA SER B 157 -20.61 -7.77 -43.94
C SER B 157 -21.13 -6.38 -43.62
N VAL B 158 -22.45 -6.25 -43.56
CA VAL B 158 -23.07 -4.99 -43.20
C VAL B 158 -22.53 -4.50 -41.86
N ALA B 159 -22.56 -5.37 -40.86
CA ALA B 159 -21.97 -5.05 -39.56
C ALA B 159 -20.49 -4.74 -39.73
N LYS B 160 -19.82 -5.58 -40.49
CA LYS B 160 -18.40 -5.38 -40.79
C LYS B 160 -18.19 -4.07 -41.51
N SER B 161 -18.98 -3.83 -42.56
CA SER B 161 -18.92 -2.58 -43.30
C SER B 161 -19.17 -1.37 -42.41
N GLU B 162 -20.27 -1.40 -41.66
CA GLU B 162 -20.66 -0.27 -40.82
C GLU B 162 -19.60 -0.01 -39.75
N LEU B 163 -19.07 -1.08 -39.17
CA LEU B 163 -18.01 -0.96 -38.18
C LEU B 163 -16.74 -0.41 -38.82
N ASP B 164 -16.43 -0.89 -40.02
CA ASP B 164 -15.23 -0.47 -40.72
C ASP B 164 -15.30 1.01 -41.11
N LYS B 165 -16.51 1.52 -41.27
CA LYS B 165 -16.69 2.94 -41.58
C LYS B 165 -16.44 3.81 -40.37
N ALA B 166 -16.82 3.31 -39.20
CA ALA B 166 -16.62 4.05 -37.96
C ALA B 166 -15.14 4.16 -37.62
N ILE B 167 -14.51 2.99 -37.49
CA ILE B 167 -13.10 2.93 -37.16
C ILE B 167 -12.29 3.56 -38.28
N GLY B 168 -12.67 3.24 -39.51
CA GLY B 168 -11.95 3.72 -40.66
C GLY B 168 -10.74 2.85 -40.93
N ARG B 169 -10.93 1.56 -40.74
CA ARG B 169 -9.91 0.54 -40.95
C ARG B 169 -10.62 -0.76 -41.20
N ASN B 170 -9.94 -1.73 -41.80
CA ASN B 170 -10.54 -3.04 -41.95
C ASN B 170 -10.54 -3.87 -40.68
N SER B 171 -11.45 -3.55 -39.76
CA SER B 171 -11.55 -4.29 -38.50
C SER B 171 -11.77 -5.76 -38.81
N ASN B 172 -12.59 -6.01 -39.82
CA ASN B 172 -13.02 -7.37 -40.17
C ASN B 172 -13.58 -8.10 -38.96
N GLY B 173 -14.26 -7.36 -38.09
CA GLY B 173 -14.91 -7.92 -36.94
C GLY B 173 -14.29 -7.61 -35.58
N VAL B 174 -13.00 -7.23 -35.57
CA VAL B 174 -12.27 -7.08 -34.31
C VAL B 174 -11.58 -5.71 -34.17
N ILE B 175 -11.72 -5.10 -32.99
CA ILE B 175 -11.10 -3.81 -32.71
C ILE B 175 -10.27 -3.82 -31.43
N THR B 176 -9.99 -2.63 -30.91
CA THR B 176 -9.11 -2.49 -29.75
C THR B 176 -9.70 -1.61 -28.66
N LYS B 177 -9.08 -1.66 -27.49
CA LYS B 177 -9.59 -0.99 -26.31
C LYS B 177 -9.65 0.52 -26.50
N ASP B 178 -8.62 1.08 -27.12
CA ASP B 178 -8.58 2.53 -27.31
C ASP B 178 -9.58 2.96 -28.37
N GLU B 179 -9.68 2.16 -29.43
CA GLU B 179 -10.66 2.40 -30.47
C GLU B 179 -12.06 2.33 -29.90
N ALA B 180 -12.24 1.50 -28.89
CA ALA B 180 -13.54 1.35 -28.24
C ALA B 180 -13.91 2.61 -27.46
N GLU B 181 -12.97 3.09 -26.63
CA GLU B 181 -13.22 4.25 -25.79
C GLU B 181 -13.47 5.48 -26.63
N LYS B 182 -12.77 5.56 -27.76
CA LYS B 182 -12.94 6.68 -28.66
C LYS B 182 -14.34 6.64 -29.28
N LEU B 183 -14.76 5.44 -29.68
CA LEU B 183 -16.11 5.23 -30.20
C LEU B 183 -17.14 5.54 -29.13
N PHE B 184 -16.92 5.02 -27.93
CA PHE B 184 -17.81 5.22 -26.80
C PHE B 184 -18.03 6.71 -26.53
N ASN B 185 -16.92 7.46 -26.53
CA ASN B 185 -16.99 8.90 -26.30
C ASN B 185 -17.85 9.57 -27.34
N GLN B 186 -17.78 9.09 -28.57
CA GLN B 186 -18.59 9.63 -29.64
C GLN B 186 -20.06 9.32 -29.37
N ASP B 187 -20.34 8.07 -29.01
CA ASP B 187 -21.70 7.62 -28.74
C ASP B 187 -22.34 8.44 -27.65
N VAL B 188 -21.64 8.56 -26.53
CA VAL B 188 -22.11 9.35 -25.40
C VAL B 188 -22.35 10.78 -25.84
N ASP B 189 -21.38 11.34 -26.56
CA ASP B 189 -21.49 12.69 -27.07
C ASP B 189 -22.74 12.85 -27.94
N ALA B 190 -22.84 12.03 -28.98
CA ALA B 190 -23.96 12.07 -29.91
C ALA B 190 -25.30 11.76 -29.24
N ALA B 191 -25.26 10.97 -28.17
CA ALA B 191 -26.44 10.68 -27.37
C ALA B 191 -26.96 11.96 -26.74
N VAL B 192 -26.07 12.70 -26.09
CA VAL B 192 -26.41 13.95 -25.40
C VAL B 192 -26.97 15.00 -26.36
N ARG B 193 -26.34 15.13 -27.53
CA ARG B 193 -26.81 16.07 -28.55
C ARG B 193 -28.27 15.81 -28.90
N GLY B 194 -28.62 14.53 -29.07
CA GLY B 194 -29.99 14.15 -29.37
C GLY B 194 -30.95 14.42 -28.24
N ILE B 195 -30.48 14.27 -27.00
CA ILE B 195 -31.30 14.54 -25.82
C ILE B 195 -31.68 16.03 -25.75
N LEU B 196 -30.74 16.89 -26.10
CA LEU B 196 -30.98 18.32 -26.10
C LEU B 196 -31.87 18.74 -27.26
N ARG B 197 -31.96 17.89 -28.28
CA ARG B 197 -32.82 18.17 -29.42
C ARG B 197 -34.26 17.71 -29.14
N ASN B 198 -34.42 16.56 -28.50
CA ASN B 198 -35.74 16.01 -28.24
C ASN B 198 -36.55 16.87 -27.29
N ALA B 199 -37.77 17.17 -27.69
CA ALA B 199 -38.61 18.11 -26.97
C ALA B 199 -39.07 17.56 -25.63
N LYS B 200 -39.31 16.26 -25.56
CA LYS B 200 -39.78 15.66 -24.32
C LYS B 200 -38.64 15.49 -23.34
N LEU B 201 -37.47 15.14 -23.87
CA LEU B 201 -36.34 14.78 -23.03
C LEU B 201 -35.51 15.96 -22.57
N LYS B 202 -35.38 16.98 -23.41
CA LYS B 202 -34.59 18.16 -23.04
C LYS B 202 -34.92 18.81 -21.69
N PRO B 203 -36.20 19.10 -21.42
CA PRO B 203 -36.54 19.77 -20.15
C PRO B 203 -36.06 19.04 -18.90
N VAL B 204 -36.21 17.71 -18.85
CA VAL B 204 -35.85 16.97 -17.64
C VAL B 204 -34.34 16.82 -17.48
N TYR B 205 -33.64 16.67 -18.60
CA TYR B 205 -32.19 16.49 -18.58
C TYR B 205 -31.48 17.71 -18.02
N ASP B 206 -31.96 18.89 -18.39
CA ASP B 206 -31.37 20.12 -17.91
C ASP B 206 -31.50 20.24 -16.39
N SER B 207 -32.62 19.76 -15.86
CA SER B 207 -32.89 19.83 -14.43
C SER B 207 -31.91 19.00 -13.61
N LEU B 208 -31.61 17.80 -14.11
CA LEU B 208 -30.84 16.81 -13.37
C LEU B 208 -29.40 17.22 -13.03
N ASP B 209 -28.72 16.36 -12.27
CA ASP B 209 -27.33 16.56 -11.92
C ASP B 209 -26.44 15.69 -12.79
N ALA B 210 -25.14 15.95 -12.71
CA ALA B 210 -24.16 15.25 -13.55
C ALA B 210 -24.29 13.72 -13.48
N VAL B 211 -24.41 13.21 -12.26
CA VAL B 211 -24.50 11.76 -12.03
C VAL B 211 -25.80 11.20 -12.60
N ARG B 212 -26.91 11.90 -12.38
CA ARG B 212 -28.20 11.41 -12.82
C ARG B 212 -28.42 11.58 -14.30
N ARG B 213 -27.82 12.63 -14.87
CA ARG B 213 -27.81 12.82 -16.31
C ARG B 213 -27.26 11.58 -16.98
N SER B 214 -26.19 11.05 -16.40
CA SER B 214 -25.55 9.83 -16.90
C SER B 214 -26.50 8.64 -16.89
N ALA B 215 -27.29 8.52 -15.83
CA ALA B 215 -28.25 7.41 -15.70
C ALA B 215 -29.27 7.45 -16.83
N LEU B 216 -29.63 8.65 -17.25
CA LEU B 216 -30.57 8.84 -18.35
C LEU B 216 -29.93 8.48 -19.67
N ILE B 217 -28.68 8.93 -19.86
CA ILE B 217 -27.96 8.66 -21.08
C ILE B 217 -27.78 7.16 -21.33
N ASN B 218 -27.48 6.43 -20.26
CA ASN B 218 -27.47 4.97 -20.29
C ASN B 218 -28.76 4.43 -20.90
N MET B 219 -29.89 4.89 -20.40
CA MET B 219 -31.18 4.48 -20.92
C MET B 219 -31.33 4.66 -22.39
N VAL B 220 -30.93 5.84 -22.86
CA VAL B 220 -30.88 6.13 -24.28
C VAL B 220 -30.05 5.07 -25.00
N PHE B 221 -28.83 4.83 -24.53
CA PHE B 221 -27.98 3.76 -25.05
C PHE B 221 -28.71 2.46 -25.28
N GLN B 222 -29.49 2.07 -24.28
CA GLN B 222 -30.12 0.77 -24.25
C GLN B 222 -31.27 0.69 -25.25
N MET B 223 -32.11 1.73 -25.25
CA MET B 223 -33.38 1.67 -25.96
C MET B 223 -33.69 2.89 -26.86
N GLY B 224 -32.75 3.82 -26.97
CA GLY B 224 -32.96 4.99 -27.81
C GLY B 224 -33.88 5.99 -27.16
N GLU B 225 -33.66 7.27 -27.48
CA GLU B 225 -34.42 8.36 -26.91
C GLU B 225 -35.93 8.22 -27.13
N THR B 226 -36.28 7.79 -28.34
CA THR B 226 -37.68 7.56 -28.70
C THR B 226 -38.33 6.55 -27.76
N GLY B 227 -37.56 5.52 -27.39
CA GLY B 227 -38.04 4.53 -26.44
C GLY B 227 -38.08 5.08 -25.03
N VAL B 228 -37.08 5.91 -24.70
CA VAL B 228 -36.98 6.51 -23.38
C VAL B 228 -38.11 7.52 -23.17
N ALA B 229 -38.51 8.20 -24.25
CA ALA B 229 -39.57 9.19 -24.17
C ALA B 229 -40.93 8.59 -23.79
N GLY B 230 -41.01 7.26 -23.70
CA GLY B 230 -42.26 6.58 -23.35
C GLY B 230 -42.71 6.81 -21.92
N PHE B 231 -41.74 6.97 -21.02
CA PHE B 231 -42.03 7.20 -19.62
C PHE B 231 -42.28 8.69 -19.37
N THR B 232 -43.10 9.33 -20.21
CA THR B 232 -43.37 10.77 -20.12
C THR B 232 -43.76 11.20 -18.71
N ASN B 233 -44.44 10.30 -18.00
CA ASN B 233 -44.82 10.55 -16.63
C ASN B 233 -43.58 10.57 -15.76
N SER B 234 -42.80 9.50 -15.84
CA SER B 234 -41.58 9.35 -15.06
C SER B 234 -40.64 10.52 -15.30
N LEU B 235 -40.46 10.86 -16.59
CA LEU B 235 -39.66 12.02 -16.98
C LEU B 235 -40.15 13.23 -16.20
N ARG B 236 -41.45 13.46 -16.24
CA ARG B 236 -42.08 14.52 -15.48
C ARG B 236 -41.91 14.31 -13.97
N MET B 237 -42.04 13.06 -13.53
CA MET B 237 -41.83 12.75 -12.11
C MET B 237 -40.42 13.09 -11.64
N LEU B 238 -39.46 13.04 -12.57
CA LEU B 238 -38.06 13.36 -12.27
C LEU B 238 -37.81 14.86 -12.19
N GLN B 239 -38.50 15.64 -13.03
CA GLN B 239 -38.32 17.08 -13.05
C GLN B 239 -38.75 17.68 -11.71
N GLN B 240 -39.84 17.16 -11.16
CA GLN B 240 -40.34 17.63 -9.88
C GLN B 240 -39.50 17.11 -8.71
N LYS B 241 -38.54 16.25 -9.02
CA LYS B 241 -37.57 15.73 -8.06
C LYS B 241 -38.14 14.83 -6.97
N ARG B 242 -39.13 14.02 -7.33
CA ARG B 242 -39.67 13.02 -6.43
C ARG B 242 -38.98 11.70 -6.74
N TRP B 243 -37.78 11.55 -6.21
CA TRP B 243 -36.92 10.41 -6.55
C TRP B 243 -37.58 9.08 -6.27
N ASP B 244 -38.09 8.90 -5.05
CA ASP B 244 -38.70 7.63 -4.66
C ASP B 244 -39.86 7.25 -5.57
N GLU B 245 -40.82 8.16 -5.71
CA GLU B 245 -41.99 7.92 -6.53
C GLU B 245 -41.62 7.46 -7.94
N ALA B 246 -40.79 8.26 -8.60
CA ALA B 246 -40.33 7.93 -9.94
C ALA B 246 -39.59 6.60 -9.95
N ALA B 247 -38.74 6.39 -8.96
CA ALA B 247 -37.95 5.16 -8.86
C ALA B 247 -38.83 3.91 -8.83
N VAL B 248 -40.05 4.06 -8.36
CA VAL B 248 -40.99 2.95 -8.35
C VAL B 248 -41.74 2.89 -9.67
N ASN B 249 -41.92 4.04 -10.29
CA ASN B 249 -42.67 4.12 -11.55
C ASN B 249 -41.97 3.39 -12.68
N LEU B 250 -40.64 3.39 -12.65
CA LEU B 250 -39.87 2.75 -13.71
C LEU B 250 -39.78 1.25 -13.49
N ALA B 251 -40.07 0.82 -12.26
CA ALA B 251 -40.02 -0.59 -11.91
C ALA B 251 -41.21 -1.33 -12.50
N LYS B 252 -42.25 -0.59 -12.88
CA LYS B 252 -43.46 -1.19 -13.39
C LYS B 252 -43.27 -1.73 -14.81
N SER B 253 -42.51 -1.00 -15.62
CA SER B 253 -42.36 -1.33 -17.04
C SER B 253 -41.75 -2.71 -17.31
N ARG B 254 -41.91 -3.18 -18.55
CA ARG B 254 -41.37 -4.46 -18.98
C ARG B 254 -39.86 -4.38 -18.99
N TRP B 255 -39.34 -3.17 -19.06
CA TRP B 255 -37.91 -2.99 -19.04
C TRP B 255 -37.33 -3.56 -17.76
N TYR B 256 -38.09 -3.48 -16.67
CA TYR B 256 -37.71 -4.07 -15.39
C TYR B 256 -37.66 -5.61 -15.46
N ASN B 257 -38.41 -6.19 -16.40
CA ASN B 257 -38.43 -7.64 -16.61
C ASN B 257 -37.45 -8.09 -17.69
N GLN B 258 -37.38 -7.32 -18.77
CA GLN B 258 -36.49 -7.65 -19.87
C GLN B 258 -35.02 -7.55 -19.46
N THR B 259 -34.67 -6.45 -18.79
CA THR B 259 -33.32 -6.26 -18.25
C THR B 259 -33.39 -5.94 -16.76
N PRO B 260 -33.42 -6.98 -15.90
CA PRO B 260 -33.65 -6.87 -14.46
C PRO B 260 -32.57 -6.11 -13.69
N ASN B 261 -31.35 -6.63 -13.73
CA ASN B 261 -30.24 -6.07 -12.95
C ASN B 261 -29.91 -4.65 -13.36
N ARG B 262 -29.78 -4.45 -14.67
CA ARG B 262 -29.33 -3.19 -15.23
C ARG B 262 -30.29 -2.10 -14.82
N ALA B 263 -31.57 -2.41 -14.91
CA ALA B 263 -32.62 -1.49 -14.54
C ALA B 263 -32.48 -1.02 -13.11
N LYS B 264 -32.48 -1.98 -12.20
CA LYS B 264 -32.39 -1.71 -10.77
C LYS B 264 -31.26 -0.74 -10.43
N ARG B 265 -30.11 -0.94 -11.05
CA ARG B 265 -28.96 -0.07 -10.84
C ARG B 265 -29.23 1.35 -11.33
N VAL B 266 -29.71 1.46 -12.56
CA VAL B 266 -30.04 2.76 -13.14
C VAL B 266 -31.17 3.42 -12.37
N ILE B 267 -32.13 2.61 -11.93
CA ILE B 267 -33.24 3.10 -11.11
C ILE B 267 -32.72 3.64 -9.78
N ALA B 268 -31.94 2.82 -9.09
CA ALA B 268 -31.35 3.23 -7.82
C ALA B 268 -30.43 4.44 -8.01
N THR B 269 -29.80 4.53 -9.17
CA THR B 269 -28.91 5.65 -9.47
C THR B 269 -29.72 6.92 -9.62
N PHE B 270 -30.97 6.76 -10.04
CA PHE B 270 -31.89 7.88 -10.11
C PHE B 270 -32.36 8.24 -8.71
N ARG B 271 -32.53 7.21 -7.87
CA ARG B 271 -33.07 7.38 -6.52
C ARG B 271 -32.09 8.13 -5.62
N THR B 272 -30.82 7.75 -5.68
CA THR B 272 -29.81 8.26 -4.76
C THR B 272 -28.93 9.33 -5.37
N GLY B 273 -28.77 9.29 -6.69
CA GLY B 273 -27.95 10.26 -7.39
C GLY B 273 -26.46 10.01 -7.22
N THR B 274 -26.11 8.78 -6.84
CA THR B 274 -24.72 8.38 -6.65
C THR B 274 -24.42 7.05 -7.33
N TRP B 275 -23.17 6.62 -7.24
CA TRP B 275 -22.72 5.42 -7.95
C TRP B 275 -22.65 4.18 -7.05
N ASP B 276 -23.25 4.25 -5.87
CA ASP B 276 -23.20 3.13 -4.93
C ASP B 276 -23.88 1.88 -5.46
N ALA B 277 -24.77 2.05 -6.43
CA ALA B 277 -25.49 0.93 -7.00
C ALA B 277 -24.55 0.01 -7.77
N TYR B 278 -23.50 0.59 -8.34
CA TYR B 278 -22.56 -0.17 -9.17
C TYR B 278 -21.42 -0.76 -8.37
N LEU B 279 -20.83 0.06 -7.50
CA LEU B 279 -19.78 -0.37 -6.61
C LEU B 279 -20.18 -1.61 -5.81
N THR B 280 -21.47 -1.69 -5.47
CA THR B 280 -22.02 -2.83 -4.75
C THR B 280 -22.16 -4.08 -5.63
N ASP B 281 -22.36 -3.88 -6.92
CA ASP B 281 -22.45 -5.00 -7.87
C ASP B 281 -21.10 -5.69 -7.97
N ARG B 282 -20.05 -4.88 -8.09
CA ARG B 282 -18.69 -5.39 -8.22
C ARG B 282 -18.21 -6.06 -6.92
N LEU B 283 -18.46 -5.40 -5.80
CA LEU B 283 -17.93 -5.85 -4.51
C LEU B 283 -19.00 -6.41 -3.59
N ARG B 284 -19.06 -7.73 -3.52
CA ARG B 284 -19.95 -8.40 -2.58
C ARG B 284 -19.18 -8.73 -1.31
N ALA B 285 -19.89 -8.92 -0.20
CA ALA B 285 -19.25 -9.17 1.08
C ALA B 285 -18.47 -10.48 1.09
N TRP B 286 -19.07 -11.53 0.53
CA TRP B 286 -18.48 -12.87 0.56
C TRP B 286 -17.07 -12.90 -0.04
N MET B 287 -16.81 -11.97 -0.95
CA MET B 287 -15.49 -11.84 -1.55
C MET B 287 -14.46 -11.43 -0.50
N PHE B 288 -14.82 -10.44 0.31
CA PHE B 288 -13.93 -9.91 1.34
C PHE B 288 -13.72 -10.91 2.48
N ILE B 289 -14.72 -11.72 2.77
CA ILE B 289 -14.60 -12.72 3.83
C ILE B 289 -13.56 -13.77 3.45
N CYS B 290 -13.55 -14.13 2.17
CA CYS B 290 -12.59 -15.11 1.65
C CYS B 290 -11.16 -14.58 1.71
N ILE B 291 -10.96 -13.32 1.31
CA ILE B 291 -9.64 -12.73 1.31
C ILE B 291 -9.16 -12.50 2.74
N GLY B 292 -10.03 -11.95 3.57
CA GLY B 292 -9.67 -11.60 4.94
C GLY B 292 -9.42 -12.78 5.86
N TRP B 293 -10.47 -13.55 6.14
CA TRP B 293 -10.35 -14.66 7.07
C TRP B 293 -9.83 -15.93 6.39
N GLY B 294 -10.23 -16.16 5.14
CA GLY B 294 -10.01 -17.44 4.48
C GLY B 294 -8.62 -17.70 3.93
N VAL B 295 -8.15 -16.82 3.06
CA VAL B 295 -6.85 -16.96 2.40
C VAL B 295 -5.62 -17.06 3.35
N PRO B 296 -5.60 -16.34 4.47
CA PRO B 296 -4.45 -16.50 5.37
C PRO B 296 -4.22 -17.90 5.96
N PHE B 297 -5.23 -18.77 5.99
CA PHE B 297 -5.03 -20.10 6.55
C PHE B 297 -4.03 -21.01 5.79
N PRO B 298 -4.15 -21.12 4.44
CA PRO B 298 -3.15 -21.90 3.70
C PRO B 298 -1.75 -21.39 3.96
N ILE B 299 -1.62 -20.07 4.04
CA ILE B 299 -0.36 -19.41 4.34
C ILE B 299 0.23 -19.93 5.64
N ILE B 300 -0.61 -19.98 6.68
CA ILE B 300 -0.19 -20.50 7.98
C ILE B 300 0.00 -22.01 7.91
N VAL B 301 -0.74 -22.66 7.01
CA VAL B 301 -0.54 -24.09 6.79
C VAL B 301 0.85 -24.39 6.23
N ALA B 302 1.21 -23.68 5.16
CA ALA B 302 2.53 -23.82 4.54
C ALA B 302 3.65 -23.41 5.49
N TRP B 303 3.41 -22.36 6.27
CA TRP B 303 4.40 -21.86 7.22
C TRP B 303 4.63 -22.85 8.35
N ALA B 304 3.57 -23.49 8.81
CA ALA B 304 3.67 -24.53 9.83
C ALA B 304 4.51 -25.66 9.30
N ILE B 305 4.33 -25.97 8.02
CA ILE B 305 5.19 -26.94 7.35
C ILE B 305 6.64 -26.45 7.27
N GLY B 306 6.83 -25.17 6.96
CA GLY B 306 8.16 -24.58 6.92
C GLY B 306 8.94 -24.86 8.19
N LYS B 307 8.23 -24.78 9.31
CA LYS B 307 8.85 -24.97 10.61
C LYS B 307 9.22 -26.40 10.93
N LEU B 308 8.40 -27.35 10.50
CA LEU B 308 8.71 -28.76 10.76
C LEU B 308 10.00 -29.19 10.04
N TYR B 309 10.29 -28.59 8.89
CA TYR B 309 11.56 -28.86 8.19
C TYR B 309 12.75 -28.06 8.69
N TYR B 310 12.71 -26.74 8.52
CA TYR B 310 13.91 -25.92 8.69
C TYR B 310 14.07 -25.26 10.04
N ASP B 311 12.96 -25.05 10.77
CA ASP B 311 13.08 -24.40 12.07
C ASP B 311 12.00 -24.82 13.07
N ASN B 312 12.33 -25.84 13.86
CA ASN B 312 11.50 -26.24 14.98
C ASN B 312 12.10 -25.72 16.29
N GLU B 313 11.99 -24.41 16.52
CA GLU B 313 12.72 -23.79 17.62
C GLU B 313 11.87 -22.82 18.48
N LYS B 314 11.79 -23.10 19.77
CA LYS B 314 11.15 -22.20 20.74
C LYS B 314 9.69 -21.91 20.42
N CYS B 315 8.92 -22.96 20.14
CA CYS B 315 7.50 -22.84 19.82
C CYS B 315 7.22 -22.00 18.59
N TRP B 316 8.13 -22.07 17.63
CA TRP B 316 8.04 -21.37 16.33
C TRP B 316 8.21 -19.85 16.42
N ALA B 317 8.45 -19.33 17.62
CA ALA B 317 8.69 -17.90 17.79
C ALA B 317 10.18 -17.67 17.94
N GLY B 318 10.93 -18.77 17.94
CA GLY B 318 12.37 -18.71 18.07
C GLY B 318 13.06 -18.39 16.77
N LYS B 319 13.98 -17.44 16.81
CA LYS B 319 14.74 -17.04 15.63
C LYS B 319 16.18 -17.55 15.66
N ARG B 320 16.53 -18.36 14.68
CA ARG B 320 17.88 -18.91 14.55
C ARG B 320 18.36 -18.66 13.14
N PRO B 321 18.83 -17.44 12.87
CA PRO B 321 19.17 -17.24 11.45
C PRO B 321 20.67 -17.20 11.14
N GLY B 322 21.17 -18.11 10.31
CA GLY B 322 20.41 -19.23 9.76
C GLY B 322 19.42 -18.91 8.65
N VAL B 323 18.69 -19.94 8.23
CA VAL B 323 17.67 -19.84 7.19
C VAL B 323 16.35 -19.27 7.76
N TYR B 324 15.55 -18.63 6.90
CA TYR B 324 14.29 -18.02 7.31
C TYR B 324 13.09 -18.75 6.70
N THR B 325 12.13 -19.09 7.55
CA THR B 325 10.90 -19.72 7.11
C THR B 325 9.72 -18.86 7.56
N ASP B 326 10.01 -17.83 8.34
CA ASP B 326 8.99 -16.87 8.74
C ASP B 326 8.61 -16.01 7.55
N TYR B 327 9.48 -16.01 6.54
CA TYR B 327 9.21 -15.30 5.29
C TYR B 327 7.97 -15.85 4.60
N ILE B 328 7.64 -17.11 4.88
CA ILE B 328 6.49 -17.77 4.28
C ILE B 328 5.20 -16.98 4.49
N TYR B 329 5.00 -16.44 5.69
CA TYR B 329 3.80 -15.62 5.93
C TYR B 329 4.08 -14.11 5.82
N GLN B 330 5.30 -13.70 6.13
CA GLN B 330 5.64 -12.29 6.11
C GLN B 330 5.72 -11.73 4.71
N GLY B 331 6.26 -12.52 3.79
CA GLY B 331 6.31 -12.17 2.39
C GLY B 331 4.96 -11.76 1.81
N PRO B 332 3.98 -12.68 1.85
CA PRO B 332 2.60 -12.40 1.44
C PRO B 332 2.02 -11.16 2.12
N MET B 333 2.44 -10.90 3.36
CA MET B 333 1.99 -9.72 4.08
C MET B 333 2.58 -8.45 3.46
N ALA B 334 3.85 -8.53 3.09
CA ALA B 334 4.49 -7.41 2.42
C ALA B 334 3.88 -7.16 1.06
N LEU B 335 3.53 -8.25 0.37
CA LEU B 335 2.88 -8.19 -0.93
C LEU B 335 1.60 -7.36 -0.84
N VAL B 336 0.72 -7.79 0.06
CA VAL B 336 -0.53 -7.09 0.31
C VAL B 336 -0.34 -5.60 0.54
N LEU B 337 0.58 -5.26 1.44
CA LEU B 337 0.88 -3.86 1.74
C LEU B 337 1.41 -3.15 0.51
N LEU B 338 2.21 -3.86 -0.27
CA LEU B 338 2.77 -3.29 -1.49
C LEU B 338 1.67 -2.94 -2.48
N ILE B 339 0.77 -3.90 -2.71
CA ILE B 339 -0.35 -3.68 -3.62
C ILE B 339 -1.15 -2.44 -3.23
N ASN B 340 -1.42 -2.32 -1.93
CA ASN B 340 -2.18 -1.19 -1.39
C ASN B 340 -1.53 0.16 -1.68
N PHE B 341 -0.21 0.21 -1.64
CA PHE B 341 0.52 1.43 -1.93
C PHE B 341 0.24 1.87 -3.37
N ILE B 342 0.16 0.88 -4.24
CA ILE B 342 -0.14 1.11 -5.64
C ILE B 342 -1.60 1.56 -5.80
N PHE B 343 -2.49 0.95 -5.02
CA PHE B 343 -3.88 1.39 -4.99
C PHE B 343 -3.94 2.86 -4.59
N LEU B 344 -3.29 3.17 -3.47
CA LEU B 344 -3.29 4.50 -2.90
C LEU B 344 -2.69 5.52 -3.84
N PHE B 345 -1.60 5.15 -4.49
CA PHE B 345 -0.93 6.05 -5.42
C PHE B 345 -1.84 6.44 -6.57
N ASN B 346 -2.50 5.44 -7.15
CA ASN B 346 -3.46 5.65 -8.23
C ASN B 346 -4.57 6.57 -7.78
N ILE B 347 -5.04 6.34 -6.55
CA ILE B 347 -6.10 7.15 -5.98
C ILE B 347 -5.73 8.63 -5.99
N VAL B 348 -4.57 8.96 -5.45
CA VAL B 348 -4.11 10.34 -5.43
C VAL B 348 -3.88 10.85 -6.84
N ARG B 349 -3.50 9.95 -7.75
CA ARG B 349 -3.38 10.31 -9.15
C ARG B 349 -4.73 10.80 -9.67
N ILE B 350 -5.76 9.96 -9.55
CA ILE B 350 -7.11 10.33 -9.99
C ILE B 350 -7.67 11.55 -9.26
N LEU B 351 -7.48 11.58 -7.95
CA LEU B 351 -7.95 12.69 -7.13
C LEU B 351 -7.38 14.02 -7.58
N MET B 352 -6.07 14.04 -7.86
CA MET B 352 -5.40 15.26 -8.28
C MET B 352 -5.66 15.63 -9.75
N THR B 353 -5.58 14.64 -10.63
CA THR B 353 -5.63 14.90 -12.07
C THR B 353 -7.02 15.24 -12.57
N LYS B 354 -7.96 14.33 -12.37
CA LYS B 354 -9.26 14.41 -13.03
C LYS B 354 -10.42 14.75 -12.08
N LEU B 355 -10.10 14.90 -10.79
CA LEU B 355 -11.11 15.23 -9.79
C LEU B 355 -10.74 16.50 -9.05
N ARG B 356 -9.77 17.24 -9.59
CA ARG B 356 -9.26 18.44 -8.94
C ARG B 356 -10.37 19.45 -8.63
N ALA B 357 -11.30 19.62 -9.56
CA ALA B 357 -12.38 20.59 -9.41
C ALA B 357 -13.70 19.94 -8.99
N SER B 358 -13.76 18.62 -9.07
CA SER B 358 -14.97 17.89 -8.74
C SER B 358 -15.23 17.89 -7.24
N THR B 359 -16.36 18.44 -6.83
CA THR B 359 -16.79 18.38 -5.44
C THR B 359 -18.22 17.84 -5.35
N THR B 360 -18.32 16.62 -4.86
CA THR B 360 -19.59 15.97 -4.60
C THR B 360 -19.46 15.35 -3.22
N SER B 361 -20.58 14.91 -2.66
CA SER B 361 -20.55 14.17 -1.39
C SER B 361 -19.61 12.98 -1.51
N GLU B 362 -19.69 12.29 -2.64
CA GLU B 362 -18.89 11.10 -2.89
C GLU B 362 -17.39 11.38 -2.91
N THR B 363 -16.98 12.37 -3.70
CA THR B 363 -15.56 12.63 -3.87
C THR B 363 -14.94 13.29 -2.65
N ILE B 364 -15.76 13.84 -1.77
CA ILE B 364 -15.23 14.47 -0.57
C ILE B 364 -14.75 13.40 0.40
N GLN B 365 -15.52 12.34 0.51
CA GLN B 365 -15.12 11.18 1.30
C GLN B 365 -13.84 10.55 0.76
N ALA B 366 -13.70 10.60 -0.56
CA ALA B 366 -12.51 10.08 -1.22
C ALA B 366 -11.27 10.76 -0.65
N ARG B 367 -11.26 12.09 -0.67
CA ARG B 367 -10.16 12.87 -0.11
C ARG B 367 -9.95 12.59 1.37
N LYS B 368 -11.05 12.64 2.13
CA LYS B 368 -11.01 12.39 3.56
C LYS B 368 -10.45 11.00 3.90
N ALA B 369 -10.91 9.99 3.18
CA ALA B 369 -10.46 8.61 3.39
C ALA B 369 -8.96 8.49 3.18
N VAL B 370 -8.49 9.06 2.08
CA VAL B 370 -7.07 9.05 1.75
C VAL B 370 -6.29 9.83 2.80
N LYS B 371 -6.84 10.97 3.22
CA LYS B 371 -6.24 11.75 4.29
C LYS B 371 -6.01 10.88 5.51
N ALA B 372 -7.01 10.06 5.85
CA ALA B 372 -6.94 9.17 7.00
C ALA B 372 -5.88 8.08 6.84
N THR B 373 -5.83 7.48 5.67
CA THR B 373 -4.87 6.43 5.35
C THR B 373 -3.44 6.99 5.36
N LEU B 374 -3.33 8.30 5.22
CA LEU B 374 -2.03 8.98 5.25
C LEU B 374 -1.55 9.20 6.68
N VAL B 375 -2.48 9.36 7.61
CA VAL B 375 -2.12 9.60 8.99
C VAL B 375 -1.81 8.29 9.69
N LEU B 376 -2.69 7.32 9.45
CA LEU B 376 -2.63 6.03 10.11
C LEU B 376 -1.41 5.23 9.70
N LEU B 377 -1.12 5.27 8.41
CA LEU B 377 -0.04 4.47 7.84
C LEU B 377 1.33 4.63 8.51
N PRO B 378 1.74 5.87 8.82
CA PRO B 378 2.97 6.01 9.62
C PRO B 378 2.88 5.30 10.95
N LEU B 379 1.83 5.59 11.72
CA LEU B 379 1.63 5.00 13.03
C LEU B 379 1.72 3.48 12.98
N LEU B 380 1.14 2.89 11.94
CA LEU B 380 1.19 1.45 11.75
C LEU B 380 2.54 1.02 11.19
N GLY B 381 3.11 1.89 10.36
CA GLY B 381 4.24 1.53 9.53
C GLY B 381 5.63 1.66 10.15
N ILE B 382 5.81 2.63 11.03
CA ILE B 382 7.13 2.88 11.60
C ILE B 382 7.70 1.67 12.31
N THR B 383 6.87 0.98 13.09
CA THR B 383 7.27 -0.22 13.82
C THR B 383 7.89 -1.26 12.89
N TYR B 384 7.28 -1.42 11.73
CA TYR B 384 7.73 -2.39 10.74
C TYR B 384 9.00 -1.93 10.01
N MET B 385 9.21 -0.63 9.92
CA MET B 385 10.46 -0.09 9.37
C MET B 385 11.60 -0.36 10.33
N LEU B 386 11.34 -0.10 11.60
CA LEU B 386 12.31 -0.35 12.66
C LEU B 386 12.58 -1.84 12.80
N ALA B 387 11.63 -2.64 12.35
CA ALA B 387 11.76 -4.09 12.40
C ALA B 387 12.92 -4.57 11.54
N PHE B 388 12.87 -4.26 10.25
CA PHE B 388 13.88 -4.78 9.31
C PHE B 388 15.18 -3.97 9.28
N VAL B 389 15.20 -2.81 9.93
CA VAL B 389 16.45 -2.07 10.09
C VAL B 389 17.03 -2.29 11.49
N ASP B 394 24.67 1.75 20.28
CA ASP B 394 24.55 1.45 21.70
C ASP B 394 24.59 2.66 22.63
N GLU B 395 23.79 3.65 22.32
CA GLU B 395 23.62 4.81 23.20
C GLU B 395 22.15 4.91 23.60
N VAL B 396 21.67 6.12 23.91
CA VAL B 396 20.27 6.37 24.22
C VAL B 396 19.36 5.79 23.12
N SER B 397 19.89 5.76 21.89
CA SER B 397 19.22 5.12 20.76
C SER B 397 18.81 3.67 21.07
N ARG B 398 19.68 2.92 21.75
CA ARG B 398 19.31 1.57 22.22
C ARG B 398 18.06 1.65 23.11
N VAL B 399 18.13 2.50 24.13
CA VAL B 399 17.01 2.74 25.03
C VAL B 399 15.78 3.26 24.29
N VAL B 400 15.98 4.31 23.49
CA VAL B 400 14.90 4.90 22.70
C VAL B 400 14.25 3.87 21.76
N PHE B 401 15.07 3.11 21.05
CA PHE B 401 14.60 2.09 20.11
C PHE B 401 13.59 1.15 20.76
N ILE B 402 13.98 0.59 21.90
CA ILE B 402 13.15 -0.36 22.63
C ILE B 402 11.78 0.20 22.97
N TYR B 403 11.77 1.34 23.63
CA TYR B 403 10.53 1.93 24.15
C TYR B 403 9.64 2.55 23.07
N PHE B 404 10.25 2.96 21.95
CA PHE B 404 9.47 3.49 20.84
C PHE B 404 8.63 2.37 20.26
N ASN B 405 9.26 1.24 20.05
CA ASN B 405 8.57 0.03 19.62
C ASN B 405 7.44 -0.32 20.59
N ALA B 406 7.65 -0.07 21.88
CA ALA B 406 6.71 -0.48 22.91
C ALA B 406 5.41 0.25 22.81
N PHE B 407 5.51 1.55 22.61
CA PHE B 407 4.32 2.37 22.64
C PHE B 407 3.53 2.17 21.38
N LEU B 408 4.23 2.02 20.27
CA LEU B 408 3.58 1.96 18.96
C LEU B 408 2.84 0.66 18.70
N GLU B 409 3.47 -0.46 19.05
CA GLU B 409 2.84 -1.75 18.79
C GLU B 409 1.69 -1.96 19.77
N SER B 410 1.81 -1.38 20.96
CA SER B 410 0.78 -1.52 21.99
C SER B 410 -0.45 -0.70 21.65
N PHE B 411 -0.29 0.29 20.79
CA PHE B 411 -1.44 1.12 20.40
C PHE B 411 -1.97 0.95 19.01
N GLN B 412 -1.55 -0.14 18.41
CA GLN B 412 -2.06 -0.48 17.12
C GLN B 412 -3.58 -0.50 17.21
N GLY B 413 -4.11 -1.12 18.26
CA GLY B 413 -5.55 -1.23 18.41
C GLY B 413 -6.25 0.11 18.45
N PHE B 414 -5.74 1.01 19.28
CA PHE B 414 -6.35 2.31 19.44
C PHE B 414 -6.35 3.06 18.11
N PHE B 415 -5.22 3.02 17.42
CA PHE B 415 -5.11 3.65 16.10
C PHE B 415 -6.17 3.10 15.14
N VAL B 416 -6.19 1.77 15.00
CA VAL B 416 -7.15 1.10 14.13
C VAL B 416 -8.58 1.37 14.59
N SER B 417 -8.77 1.44 15.91
CA SER B 417 -10.09 1.74 16.46
C SER B 417 -10.52 3.16 16.15
N VAL B 418 -9.62 4.13 16.34
CA VAL B 418 -9.96 5.51 16.06
C VAL B 418 -10.14 5.73 14.56
N PHE B 419 -9.26 5.09 13.80
CA PHE B 419 -9.30 5.17 12.33
C PHE B 419 -10.66 4.74 11.78
N ALA B 420 -11.17 3.63 12.28
CA ALA B 420 -12.48 3.14 11.86
C ALA B 420 -13.60 4.06 12.36
N CYS B 421 -13.51 4.47 13.63
CA CYS B 421 -14.47 5.41 14.21
C CYS B 421 -14.50 6.71 13.42
N PHE B 422 -13.34 7.11 12.93
CA PHE B 422 -13.21 8.32 12.12
C PHE B 422 -13.98 8.20 10.81
N LEU B 423 -13.72 7.11 10.09
CA LEU B 423 -14.42 6.81 8.84
C LEU B 423 -15.92 6.72 9.04
N ASN B 424 -16.32 6.20 10.20
CA ASN B 424 -17.73 6.13 10.55
C ASN B 424 -18.34 7.52 10.68
N SER B 425 -17.55 8.48 11.16
CA SER B 425 -18.04 9.85 11.36
C SER B 425 -18.09 10.65 10.06
N GLU B 426 -17.23 10.30 9.11
CA GLU B 426 -17.09 11.08 7.88
C GLU B 426 -17.62 10.39 6.62
N VAL B 427 -17.27 9.13 6.38
CA VAL B 427 -17.67 8.43 5.15
C VAL B 427 -19.17 8.06 5.18
N ARG B 428 -19.80 8.31 6.33
CA ARG B 428 -21.25 8.25 6.43
C ARG B 428 -21.89 9.32 5.53
N SER B 429 -22.87 8.90 4.74
CA SER B 429 -23.66 9.83 3.91
C SER B 429 -24.97 9.20 3.43
N SER C 10 -0.72 9.60 65.11
CA SER C 10 -0.80 9.72 63.65
C SER C 10 -1.28 8.42 63.01
N LYS C 11 -0.98 7.31 63.67
CA LYS C 11 -1.27 5.98 63.14
C LYS C 11 -2.77 5.65 63.12
N VAL C 12 -3.50 6.09 64.14
CA VAL C 12 -4.94 5.81 64.23
C VAL C 12 -5.76 6.90 63.54
N HIS C 13 -5.14 8.08 63.34
CA HIS C 13 -5.81 9.17 62.64
C HIS C 13 -6.13 8.76 61.20
N TYR C 14 -5.21 8.03 60.58
CA TYR C 14 -5.40 7.54 59.21
C TYR C 14 -6.52 6.53 59.07
N HIS C 15 -6.70 5.69 60.09
CA HIS C 15 -7.72 4.64 60.06
C HIS C 15 -9.12 5.22 59.94
N VAL C 16 -9.40 6.27 60.69
CA VAL C 16 -10.65 7.00 60.55
C VAL C 16 -10.65 7.76 59.22
N ALA C 17 -9.48 8.23 58.79
CA ALA C 17 -9.37 8.86 57.49
C ALA C 17 -9.65 7.83 56.38
N ALA C 18 -9.23 6.58 56.61
CA ALA C 18 -9.49 5.52 55.66
C ALA C 18 -10.98 5.29 55.46
N ILE C 19 -11.69 5.12 56.57
CA ILE C 19 -13.12 4.85 56.56
C ILE C 19 -13.91 5.96 55.85
N ILE C 20 -13.57 7.21 56.16
CA ILE C 20 -14.20 8.34 55.50
C ILE C 20 -13.93 8.30 54.00
N ASN C 21 -12.67 8.06 53.63
CA ASN C 21 -12.30 7.93 52.23
C ASN C 21 -13.01 6.76 51.57
N TYR C 22 -13.04 5.64 52.29
CA TYR C 22 -13.65 4.43 51.78
C TYR C 22 -15.13 4.63 51.48
N LEU C 23 -15.89 4.97 52.52
CA LEU C 23 -17.34 5.15 52.41
C LEU C 23 -17.77 6.13 51.32
N GLY C 24 -17.02 7.22 51.19
CA GLY C 24 -17.35 8.23 50.20
C GLY C 24 -17.12 7.75 48.78
N HIS C 25 -16.03 7.02 48.55
CA HIS C 25 -15.75 6.46 47.23
C HIS C 25 -16.87 5.54 46.76
N CYS C 26 -17.47 4.82 47.70
CA CYS C 26 -18.59 3.94 47.41
C CYS C 26 -19.79 4.73 46.92
N ILE C 27 -20.02 5.88 47.54
CA ILE C 27 -21.09 6.77 47.13
C ILE C 27 -20.77 7.34 45.76
N SER C 28 -19.53 7.80 45.60
CA SER C 28 -19.09 8.35 44.34
C SER C 28 -19.16 7.33 43.20
N LEU C 29 -18.71 6.12 43.46
CA LEU C 29 -18.63 5.12 42.41
C LEU C 29 -20.01 4.73 41.91
N VAL C 30 -20.96 4.58 42.83
CA VAL C 30 -22.30 4.19 42.45
C VAL C 30 -22.96 5.33 41.69
N ALA C 31 -22.81 6.53 42.22
CA ALA C 31 -23.37 7.72 41.60
C ALA C 31 -22.95 7.84 40.14
N LEU C 32 -21.65 7.67 39.90
CA LEU C 32 -21.09 7.76 38.56
C LEU C 32 -21.69 6.68 37.66
N LEU C 33 -21.68 5.46 38.17
CA LEU C 33 -22.19 4.32 37.45
C LEU C 33 -23.65 4.51 37.05
N VAL C 34 -24.45 5.01 37.97
CA VAL C 34 -25.87 5.24 37.68
C VAL C 34 -26.00 6.31 36.61
N ALA C 35 -25.13 7.32 36.68
CA ALA C 35 -25.14 8.40 35.70
C ALA C 35 -24.70 7.91 34.32
N PHE C 36 -23.68 7.06 34.31
CA PHE C 36 -23.16 6.50 33.07
C PHE C 36 -24.25 5.74 32.34
N VAL C 37 -25.06 5.02 33.10
CA VAL C 37 -26.16 4.25 32.53
C VAL C 37 -27.22 5.20 31.97
N LEU C 38 -27.51 6.26 32.71
CA LEU C 38 -28.48 7.26 32.29
C LEU C 38 -28.10 7.85 30.94
N PHE C 39 -26.82 8.16 30.79
CA PHE C 39 -26.33 8.75 29.56
C PHE C 39 -26.48 7.80 28.36
N LEU C 40 -26.16 6.53 28.56
CA LEU C 40 -26.29 5.54 27.51
C LEU C 40 -27.73 5.32 27.10
N ARG C 41 -28.64 5.51 28.05
CA ARG C 41 -30.06 5.29 27.79
C ARG C 41 -30.69 6.33 26.86
N ALA C 42 -30.48 7.61 27.16
CA ALA C 42 -31.07 8.70 26.37
C ALA C 42 -30.54 8.71 24.94
N ARG C 43 -31.35 9.23 24.02
CA ARG C 43 -30.95 9.31 22.61
C ARG C 43 -30.11 10.55 22.32
N SER C 44 -29.89 11.36 23.35
CA SER C 44 -29.04 12.53 23.22
C SER C 44 -27.57 12.10 23.15
N ILE C 45 -27.33 10.81 23.37
CA ILE C 45 -25.99 10.23 23.36
C ILE C 45 -25.34 10.27 21.98
N ARG C 46 -26.16 10.24 20.93
CA ARG C 46 -25.65 10.26 19.57
C ARG C 46 -25.00 11.60 19.27
N CYS C 47 -25.43 12.64 19.98
CA CYS C 47 -24.85 13.96 19.82
C CYS C 47 -23.44 14.00 20.37
N LEU C 48 -22.68 15.00 19.94
CA LEU C 48 -21.30 15.14 20.36
C LEU C 48 -21.19 15.51 21.83
N ARG C 49 -22.05 16.44 22.23
CA ARG C 49 -22.05 16.97 23.58
C ARG C 49 -22.07 15.85 24.62
N ASN C 50 -23.04 14.96 24.48
CA ASN C 50 -23.20 13.87 25.43
C ASN C 50 -22.10 12.81 25.38
N ILE C 51 -21.48 12.61 24.22
CA ILE C 51 -20.40 11.64 24.12
C ILE C 51 -19.23 12.04 25.02
N ILE C 52 -18.94 13.33 25.04
CA ILE C 52 -17.90 13.88 25.91
C ILE C 52 -18.23 13.62 27.38
N HIS C 53 -19.45 13.95 27.78
CA HIS C 53 -19.95 13.70 29.12
C HIS C 53 -19.82 12.22 29.48
N ALA C 54 -20.32 11.37 28.59
CA ALA C 54 -20.30 9.92 28.81
C ALA C 54 -18.88 9.43 28.97
N ASN C 55 -18.01 9.82 28.06
CA ASN C 55 -16.60 9.44 28.14
C ASN C 55 -15.93 10.01 29.38
N LEU C 56 -16.32 11.23 29.76
CA LEU C 56 -15.80 11.88 30.95
C LEU C 56 -16.20 11.15 32.22
N ILE C 57 -17.48 10.83 32.36
CA ILE C 57 -17.94 10.10 33.53
C ILE C 57 -17.29 8.72 33.60
N ALA C 58 -17.18 8.06 32.46
CA ALA C 58 -16.50 6.78 32.37
C ALA C 58 -15.05 6.87 32.84
N ALA C 59 -14.41 8.01 32.61
CA ALA C 59 -13.02 8.21 32.99
C ALA C 59 -12.85 8.19 34.50
N PHE C 60 -13.83 8.74 35.19
CA PHE C 60 -13.80 8.80 36.65
C PHE C 60 -14.17 7.46 37.29
N ILE C 61 -15.10 6.75 36.66
CA ILE C 61 -15.54 5.43 37.13
C ILE C 61 -14.33 4.52 37.25
N LEU C 62 -13.57 4.44 36.16
CA LEU C 62 -12.39 3.61 36.11
C LEU C 62 -11.36 4.05 37.15
N ARG C 63 -11.31 5.34 37.43
CA ARG C 63 -10.37 5.86 38.41
C ARG C 63 -10.73 5.38 39.81
N ASN C 64 -12.00 5.54 40.17
CA ASN C 64 -12.48 5.09 41.48
C ASN C 64 -12.43 3.59 41.66
N ALA C 65 -12.69 2.86 40.58
CA ALA C 65 -12.59 1.41 40.62
C ALA C 65 -11.16 0.99 40.96
N THR C 66 -10.18 1.72 40.44
CA THR C 66 -8.77 1.41 40.65
C THR C 66 -8.37 1.71 42.07
N TRP C 67 -8.93 2.77 42.64
CA TRP C 67 -8.62 3.15 44.00
C TRP C 67 -8.83 1.99 44.94
N PHE C 68 -9.95 1.28 44.75
CA PHE C 68 -10.21 0.08 45.53
C PHE C 68 -9.17 -1.00 45.28
N VAL C 69 -8.66 -1.05 44.05
CA VAL C 69 -7.64 -2.02 43.69
C VAL C 69 -6.29 -1.61 44.28
N VAL C 70 -6.01 -0.31 44.25
CA VAL C 70 -4.75 0.21 44.78
C VAL C 70 -4.63 -0.08 46.27
N GLN C 71 -5.77 -0.11 46.94
CA GLN C 71 -5.80 -0.44 48.36
C GLN C 71 -5.38 -1.89 48.58
N LEU C 72 -5.75 -2.77 47.65
CA LEU C 72 -5.44 -4.17 47.80
C LEU C 72 -4.08 -4.50 47.20
N PRO C 76 2.50 -3.21 53.32
CA PRO C 76 3.94 -3.03 53.38
C PRO C 76 4.66 -4.19 52.74
N GLU C 77 4.10 -5.38 52.87
CA GLU C 77 4.67 -6.56 52.24
C GLU C 77 4.67 -6.37 50.72
N VAL C 78 3.56 -5.85 50.21
CA VAL C 78 3.41 -5.61 48.78
C VAL C 78 4.25 -4.41 48.35
N HIS C 79 4.32 -3.42 49.23
CA HIS C 79 5.13 -2.23 48.97
C HIS C 79 6.60 -2.57 48.79
N GLN C 80 7.16 -3.29 49.75
CA GLN C 80 8.58 -3.62 49.79
C GLN C 80 8.98 -4.63 48.70
N SER C 81 7.98 -5.22 48.05
CA SER C 81 8.21 -6.06 46.89
C SER C 81 7.81 -5.31 45.63
N ASN C 82 8.80 -4.84 44.87
CA ASN C 82 8.54 -4.04 43.68
C ASN C 82 8.10 -4.88 42.47
N VAL C 83 7.14 -5.76 42.69
CA VAL C 83 6.66 -6.70 41.68
C VAL C 83 6.03 -5.98 40.49
N GLY C 84 6.14 -6.59 39.31
CA GLY C 84 5.64 -6.00 38.07
C GLY C 84 4.19 -5.58 38.07
N TRP C 85 3.30 -6.40 38.64
CA TRP C 85 1.88 -6.06 38.67
C TRP C 85 1.53 -4.97 39.68
N CYS C 86 2.31 -4.88 40.77
CA CYS C 86 2.14 -3.82 41.75
C CYS C 86 2.50 -2.47 41.13
N ARG C 87 3.54 -2.48 40.30
CA ARG C 87 3.94 -1.31 39.55
C ARG C 87 2.86 -0.92 38.53
N LEU C 88 2.29 -1.92 37.88
CA LEU C 88 1.32 -1.71 36.81
C LEU C 88 0.06 -0.96 37.25
N VAL C 89 -0.46 -1.33 38.42
CA VAL C 89 -1.68 -0.70 38.95
C VAL C 89 -1.46 0.78 39.20
N THR C 90 -0.26 1.10 39.66
CA THR C 90 0.13 2.48 39.88
C THR C 90 0.18 3.21 38.54
N ALA C 91 0.64 2.52 37.50
CA ALA C 91 0.69 3.09 36.16
C ALA C 91 -0.72 3.44 35.67
N ALA C 92 -1.63 2.49 35.83
CA ALA C 92 -3.01 2.66 35.38
C ALA C 92 -3.71 3.77 36.15
N TYR C 93 -3.60 3.72 37.47
CA TYR C 93 -4.22 4.70 38.33
C TYR C 93 -3.76 6.10 37.94
N ASN C 94 -2.46 6.25 37.72
CA ASN C 94 -1.92 7.53 37.33
C ASN C 94 -2.40 7.91 35.95
N TYR C 95 -2.46 6.92 35.07
CA TYR C 95 -2.98 7.15 33.73
C TYR C 95 -4.41 7.67 33.83
N PHE C 96 -5.22 7.02 34.65
CA PHE C 96 -6.59 7.44 34.86
C PHE C 96 -6.67 8.86 35.38
N HIS C 97 -5.69 9.22 36.20
CA HIS C 97 -5.65 10.56 36.77
C HIS C 97 -5.44 11.59 35.67
N VAL C 98 -4.57 11.28 34.73
CA VAL C 98 -4.31 12.18 33.61
C VAL C 98 -5.57 12.23 32.76
N THR C 99 -6.26 11.11 32.68
CA THR C 99 -7.45 11.00 31.86
C THR C 99 -8.53 11.98 32.32
N ASN C 100 -8.69 12.08 33.64
CA ASN C 100 -9.68 12.99 34.22
C ASN C 100 -9.49 14.43 33.79
N PHE C 101 -8.23 14.89 33.81
CA PHE C 101 -7.90 16.26 33.42
C PHE C 101 -8.15 16.50 31.94
N PHE C 102 -7.73 15.54 31.12
CA PHE C 102 -7.84 15.66 29.68
C PHE C 102 -9.28 15.60 29.17
N TRP C 103 -10.12 14.82 29.85
CA TRP C 103 -11.53 14.76 29.47
C TRP C 103 -12.29 15.98 29.96
N MET C 104 -11.76 16.62 31.00
CA MET C 104 -12.29 17.90 31.44
C MET C 104 -11.75 18.99 30.55
N PHE C 105 -10.59 18.72 29.97
CA PHE C 105 -10.00 19.62 28.99
C PHE C 105 -10.85 19.62 27.74
N GLY C 106 -11.13 18.43 27.23
CA GLY C 106 -11.99 18.28 26.06
C GLY C 106 -13.34 18.87 26.34
N GLU C 107 -13.74 18.82 27.60
CA GLU C 107 -14.96 19.47 28.02
C GLU C 107 -14.84 20.98 27.86
N GLY C 108 -13.66 21.51 28.11
CA GLY C 108 -13.44 22.94 27.99
C GLY C 108 -13.38 23.43 26.56
N CYS C 109 -12.74 22.63 25.71
CA CYS C 109 -12.58 22.99 24.31
C CYS C 109 -13.93 23.07 23.63
N TYR C 110 -14.80 22.14 23.97
CA TYR C 110 -16.16 22.13 23.44
C TYR C 110 -16.85 23.44 23.78
N LEU C 111 -16.86 23.78 25.06
CA LEU C 111 -17.58 24.96 25.52
C LEU C 111 -17.04 26.23 24.88
N HIS C 112 -15.72 26.32 24.84
CA HIS C 112 -15.04 27.50 24.33
C HIS C 112 -15.49 27.79 22.91
N THR C 113 -15.26 26.83 22.03
CA THR C 113 -15.57 27.01 20.62
C THR C 113 -17.07 27.16 20.40
N ALA C 114 -17.87 26.63 21.32
CA ALA C 114 -19.32 26.67 21.16
C ALA C 114 -19.83 28.10 21.27
N ILE C 115 -19.31 28.82 22.26
CA ILE C 115 -19.74 30.18 22.46
C ILE C 115 -19.01 31.11 21.53
N VAL C 116 -17.68 31.05 21.62
CA VAL C 116 -16.82 31.99 20.95
C VAL C 116 -16.89 31.85 19.43
N LEU C 117 -16.37 30.73 18.93
CA LEU C 117 -16.24 30.52 17.49
C LEU C 117 -17.62 30.34 16.86
N THR C 118 -18.49 31.32 17.05
CA THR C 118 -19.87 31.13 16.66
C THR C 118 -20.54 32.49 16.44
N ASN C 119 -20.49 32.90 15.18
CA ASN C 119 -21.06 34.13 14.67
C ASN C 119 -20.95 34.12 13.15
N ILE C 120 -21.37 35.22 12.53
CA ILE C 120 -21.29 35.38 11.09
C ILE C 120 -19.86 35.04 10.62
N PHE C 121 -18.88 35.84 11.04
CA PHE C 121 -17.50 35.71 10.59
C PHE C 121 -17.01 34.27 10.53
N GLU C 122 -17.14 33.55 11.63
CA GLU C 122 -16.74 32.15 11.70
C GLU C 122 -17.58 31.30 10.77
N MET C 123 -18.85 31.68 10.60
CA MET C 123 -19.78 30.90 9.79
C MET C 123 -19.25 30.76 8.36
N LEU C 124 -19.23 31.87 7.62
CA LEU C 124 -18.85 31.83 6.21
C LEU C 124 -17.39 31.44 6.06
N ARG C 125 -16.56 31.83 7.02
CA ARG C 125 -15.16 31.42 7.03
C ARG C 125 -15.03 29.92 6.89
N ILE C 126 -15.93 29.19 7.56
CA ILE C 126 -15.96 27.74 7.42
C ILE C 126 -16.48 27.34 6.06
N ASP C 127 -17.62 27.90 5.68
CA ASP C 127 -18.26 27.59 4.41
C ASP C 127 -17.40 28.05 3.25
N GLU C 128 -17.13 29.35 3.24
CA GLU C 128 -16.44 29.95 2.10
C GLU C 128 -14.94 29.67 2.14
N GLY C 129 -14.42 29.38 3.33
CA GLY C 129 -13.01 29.08 3.45
C GLY C 129 -12.18 30.34 3.44
N LEU C 130 -11.05 30.30 4.12
CA LEU C 130 -10.10 31.42 4.07
C LEU C 130 -8.86 31.03 3.27
N ARG C 131 -8.65 31.73 2.16
CA ARG C 131 -7.49 31.50 1.31
C ARG C 131 -6.68 32.78 1.13
N LEU C 132 -5.45 32.78 1.61
CA LEU C 132 -4.59 33.97 1.54
C LEU C 132 -4.19 34.31 0.11
N LYS C 133 -3.92 33.29 -0.68
CA LYS C 133 -3.57 33.50 -2.09
C LYS C 133 -4.83 33.55 -2.96
N ILE C 134 -4.69 34.06 -4.17
CA ILE C 134 -5.82 34.15 -5.10
C ILE C 134 -6.22 32.75 -5.58
N TYR C 135 -7.52 32.46 -5.53
CA TYR C 135 -8.03 31.16 -5.98
C TYR C 135 -9.14 31.31 -7.02
N LYS C 136 -9.11 30.44 -8.03
CA LYS C 136 -10.14 30.40 -9.06
C LYS C 136 -11.46 29.93 -8.44
N ASP C 137 -12.56 30.60 -8.80
CA ASP C 137 -13.87 30.31 -8.22
C ASP C 137 -14.45 29.00 -8.78
N THR C 138 -15.44 28.47 -8.06
CA THR C 138 -16.23 27.34 -8.55
C THR C 138 -16.93 27.78 -9.82
N GLU C 139 -17.35 29.04 -9.83
CA GLU C 139 -18.00 29.63 -10.99
C GLU C 139 -16.97 29.99 -12.08
N GLY C 140 -15.71 30.06 -11.69
CA GLY C 140 -14.64 30.34 -12.64
C GLY C 140 -14.05 31.73 -12.50
N TYR C 141 -14.69 32.55 -11.67
CA TYR C 141 -14.26 33.93 -11.47
C TYR C 141 -13.03 33.99 -10.58
N TYR C 142 -12.63 35.19 -10.23
CA TYR C 142 -11.48 35.38 -9.35
C TYR C 142 -11.90 35.79 -7.95
N THR C 143 -11.31 35.13 -6.95
CA THR C 143 -11.70 35.35 -5.57
C THR C 143 -10.47 35.38 -4.65
N ILE C 144 -10.60 36.06 -3.52
CA ILE C 144 -9.47 36.23 -2.61
C ILE C 144 -9.99 36.31 -1.16
N GLY C 145 -9.19 35.81 -0.23
CA GLY C 145 -9.55 35.82 1.18
C GLY C 145 -10.75 34.93 1.46
N ILE C 146 -11.74 35.50 2.14
CA ILE C 146 -13.00 34.81 2.37
C ILE C 146 -14.04 35.24 1.34
N GLY C 147 -13.97 34.61 0.17
CA GLY C 147 -15.01 34.72 -0.84
C GLY C 147 -15.34 36.12 -1.26
N HIS C 148 -14.30 36.92 -1.42
CA HIS C 148 -14.47 38.26 -1.89
C HIS C 148 -14.26 38.23 -3.40
N LEU C 149 -15.35 38.45 -4.13
CA LEU C 149 -15.29 38.40 -5.59
C LEU C 149 -14.53 39.60 -6.16
N LEU C 150 -13.47 39.32 -6.91
CA LEU C 150 -12.65 40.37 -7.52
C LEU C 150 -13.26 40.88 -8.83
N THR C 151 -13.24 40.03 -9.85
CA THR C 151 -13.74 40.41 -11.16
C THR C 151 -14.10 39.22 -12.04
N LYS C 152 -14.56 39.50 -13.25
CA LYS C 152 -14.86 38.47 -14.24
C LYS C 152 -13.71 38.30 -15.24
N SER C 153 -12.93 39.37 -15.43
CA SER C 153 -11.78 39.33 -16.33
C SER C 153 -10.88 38.11 -16.09
N PRO C 154 -10.51 37.40 -17.18
CA PRO C 154 -9.65 36.20 -17.11
C PRO C 154 -8.18 36.56 -16.94
N SER C 155 -7.89 37.85 -16.75
CA SER C 155 -6.52 38.32 -16.58
C SER C 155 -6.25 38.63 -15.11
N LEU C 156 -5.29 37.92 -14.54
CA LEU C 156 -4.85 38.07 -13.16
C LEU C 156 -4.53 39.51 -12.80
N SER C 157 -3.82 40.16 -13.72
CA SER C 157 -3.36 41.53 -13.59
C SER C 157 -4.49 42.51 -13.29
N VAL C 158 -5.62 42.31 -13.95
CA VAL C 158 -6.80 43.15 -13.74
C VAL C 158 -7.42 42.86 -12.39
N ALA C 159 -7.37 41.59 -12.00
CA ALA C 159 -7.88 41.20 -10.69
C ALA C 159 -7.00 41.81 -9.61
N LYS C 160 -5.69 41.72 -9.80
CA LYS C 160 -4.74 42.30 -8.86
C LYS C 160 -4.91 43.81 -8.78
N SER C 161 -5.06 44.44 -9.93
CA SER C 161 -5.26 45.87 -10.02
C SER C 161 -6.42 46.31 -9.12
N GLU C 162 -7.54 45.61 -9.23
CA GLU C 162 -8.71 45.91 -8.42
C GLU C 162 -8.43 45.57 -6.97
N LEU C 163 -7.82 44.42 -6.75
CA LEU C 163 -7.44 43.99 -5.40
C LEU C 163 -6.56 45.04 -4.75
N ASP C 164 -5.51 45.42 -5.45
CA ASP C 164 -4.59 46.44 -4.97
C ASP C 164 -5.32 47.75 -4.65
N LYS C 165 -6.26 48.11 -5.51
CA LYS C 165 -7.09 49.29 -5.27
C LYS C 165 -7.99 49.08 -4.07
N ALA C 166 -8.48 47.85 -3.92
CA ALA C 166 -9.41 47.54 -2.84
C ALA C 166 -8.73 47.65 -1.49
N ILE C 167 -7.54 47.04 -1.37
CA ILE C 167 -6.76 47.17 -0.16
C ILE C 167 -6.32 48.61 -0.03
N GLY C 168 -5.65 49.08 -1.07
CA GLY C 168 -5.07 50.41 -1.08
C GLY C 168 -3.57 50.32 -1.20
N ARG C 169 -3.05 49.11 -1.41
CA ARG C 169 -1.61 48.89 -1.51
C ARG C 169 -1.23 47.88 -2.60
N ASN C 170 0.06 47.60 -2.71
CA ASN C 170 0.57 46.60 -3.65
C ASN C 170 0.68 45.22 -3.02
N SER C 171 -0.24 44.33 -3.40
CA SER C 171 -0.34 43.02 -2.76
C SER C 171 0.60 41.98 -3.38
N ASN C 172 0.85 42.12 -4.68
CA ASN C 172 1.66 41.17 -5.43
C ASN C 172 1.11 39.75 -5.45
N GLY C 173 -0.20 39.63 -5.31
CA GLY C 173 -0.85 38.35 -5.42
C GLY C 173 -1.32 37.73 -4.11
N VAL C 174 -0.98 38.35 -2.98
CA VAL C 174 -1.32 37.80 -1.66
C VAL C 174 -1.79 38.87 -0.67
N ILE C 175 -2.78 38.53 0.16
CA ILE C 175 -3.15 39.39 1.29
C ILE C 175 -3.20 38.58 2.59
N THR C 176 -3.06 39.28 3.72
CA THR C 176 -2.96 38.64 5.03
C THR C 176 -4.31 38.43 5.69
N LYS C 177 -4.30 37.75 6.83
CA LYS C 177 -5.52 37.42 7.56
C LYS C 177 -6.26 38.65 8.07
N ASP C 178 -5.50 39.66 8.49
CA ASP C 178 -6.07 40.91 8.99
C ASP C 178 -6.86 41.61 7.90
N GLU C 179 -6.26 41.71 6.71
CA GLU C 179 -6.90 42.33 5.56
C GLU C 179 -8.18 41.60 5.14
N ALA C 180 -8.16 40.28 5.22
CA ALA C 180 -9.31 39.47 4.84
C ALA C 180 -10.53 39.82 5.68
N GLU C 181 -10.33 39.98 6.98
CA GLU C 181 -11.43 40.33 7.88
C GLU C 181 -11.93 41.75 7.62
N LYS C 182 -11.00 42.66 7.34
CA LYS C 182 -11.37 44.03 7.03
C LYS C 182 -12.35 44.06 5.86
N LEU C 183 -12.05 43.28 4.82
CA LEU C 183 -12.94 43.16 3.66
C LEU C 183 -14.28 42.57 4.05
N PHE C 184 -14.21 41.44 4.72
CA PHE C 184 -15.39 40.70 5.11
C PHE C 184 -16.50 41.55 5.72
N ASN C 185 -16.15 42.37 6.71
CA ASN C 185 -17.10 43.21 7.41
C ASN C 185 -17.78 44.18 6.44
N GLN C 186 -17.01 44.63 5.47
CA GLN C 186 -17.55 45.51 4.44
C GLN C 186 -18.54 44.71 3.60
N ASP C 187 -18.10 43.56 3.12
CA ASP C 187 -18.92 42.68 2.28
C ASP C 187 -20.25 42.37 2.94
N VAL C 188 -20.20 42.07 4.24
CA VAL C 188 -21.42 41.80 5.02
C VAL C 188 -22.33 43.01 5.01
N ASP C 189 -21.81 44.13 5.52
CA ASP C 189 -22.55 45.39 5.55
C ASP C 189 -23.08 45.70 4.15
N ALA C 190 -22.22 45.53 3.14
CA ALA C 190 -22.59 45.73 1.74
C ALA C 190 -23.75 44.83 1.33
N ALA C 191 -23.61 43.53 1.59
CA ALA C 191 -24.68 42.57 1.34
C ALA C 191 -25.95 42.96 2.10
N VAL C 192 -25.80 43.21 3.41
CA VAL C 192 -26.89 43.68 4.25
C VAL C 192 -27.57 44.90 3.63
N ARG C 193 -26.77 45.88 3.24
CA ARG C 193 -27.26 47.06 2.54
C ARG C 193 -28.13 46.63 1.37
N GLY C 194 -27.61 45.71 0.57
CA GLY C 194 -28.29 45.20 -0.61
C GLY C 194 -29.64 44.55 -0.37
N ILE C 195 -29.76 43.80 0.73
CA ILE C 195 -31.02 43.15 1.08
C ILE C 195 -32.12 44.18 1.24
N LEU C 196 -31.82 45.20 2.03
CA LEU C 196 -32.73 46.30 2.29
C LEU C 196 -33.13 47.03 1.02
N ARG C 197 -32.18 47.13 0.08
CA ARG C 197 -32.44 47.74 -1.21
C ARG C 197 -33.41 46.89 -2.01
N ASN C 198 -33.29 45.57 -1.87
CA ASN C 198 -34.06 44.63 -2.66
C ASN C 198 -35.56 44.66 -2.38
N ALA C 199 -36.34 44.15 -3.33
CA ALA C 199 -37.79 44.11 -3.22
C ALA C 199 -38.24 42.75 -2.72
N LYS C 200 -37.69 41.69 -3.29
CA LYS C 200 -38.05 40.34 -2.89
C LYS C 200 -37.49 40.03 -1.50
N LEU C 201 -36.38 40.68 -1.17
CA LEU C 201 -35.60 40.30 0.01
C LEU C 201 -35.83 41.19 1.24
N LYS C 202 -36.33 42.39 1.01
CA LYS C 202 -36.66 43.30 2.11
C LYS C 202 -37.63 42.73 3.16
N PRO C 203 -38.76 42.13 2.73
CA PRO C 203 -39.69 41.66 3.76
C PRO C 203 -39.19 40.49 4.61
N VAL C 204 -38.69 39.45 3.98
CA VAL C 204 -38.30 38.24 4.72
C VAL C 204 -37.17 38.50 5.71
N TYR C 205 -36.16 39.26 5.29
CA TYR C 205 -35.00 39.54 6.12
C TYR C 205 -35.38 40.30 7.37
N ASP C 206 -36.35 41.20 7.23
CA ASP C 206 -36.84 41.98 8.34
C ASP C 206 -37.47 41.08 9.41
N SER C 207 -38.17 40.05 8.96
CA SER C 207 -38.89 39.17 9.88
C SER C 207 -37.96 38.28 10.70
N LEU C 208 -36.88 37.82 10.09
CA LEU C 208 -36.00 36.82 10.69
C LEU C 208 -35.22 37.32 11.91
N ASP C 209 -34.94 36.39 12.83
CA ASP C 209 -34.08 36.67 13.97
C ASP C 209 -32.64 36.75 13.49
N ALA C 210 -31.74 37.08 14.41
CA ALA C 210 -30.34 37.33 14.07
C ALA C 210 -29.66 36.15 13.37
N VAL C 211 -29.79 34.98 13.96
CA VAL C 211 -29.06 33.80 13.49
C VAL C 211 -29.55 33.31 12.12
N ARG C 212 -30.84 33.42 11.88
CA ARG C 212 -31.37 33.00 10.59
C ARG C 212 -31.08 34.04 9.52
N ARG C 213 -31.08 35.31 9.90
CA ARG C 213 -30.69 36.38 8.99
C ARG C 213 -29.31 36.13 8.42
N SER C 214 -28.41 35.71 9.30
CA SER C 214 -27.03 35.47 8.91
C SER C 214 -26.93 34.33 7.89
N ALA C 215 -27.87 33.39 7.93
CA ALA C 215 -27.89 32.27 7.00
C ALA C 215 -28.37 32.73 5.64
N LEU C 216 -29.18 33.77 5.66
CA LEU C 216 -29.69 34.36 4.43
C LEU C 216 -28.60 35.17 3.77
N ILE C 217 -27.90 35.97 4.56
CA ILE C 217 -26.79 36.78 4.10
C ILE C 217 -25.71 35.90 3.48
N ASN C 218 -25.43 34.79 4.15
CA ASN C 218 -24.61 33.72 3.58
C ASN C 218 -25.05 33.37 2.15
N MET C 219 -26.33 33.06 1.97
CA MET C 219 -26.88 32.81 0.64
C MET C 219 -26.54 33.89 -0.38
N VAL C 220 -26.64 35.15 0.05
CA VAL C 220 -26.28 36.29 -0.79
C VAL C 220 -24.81 36.23 -1.22
N PHE C 221 -23.92 35.92 -0.27
CA PHE C 221 -22.51 35.72 -0.55
C PHE C 221 -22.28 34.71 -1.67
N GLN C 222 -23.03 33.64 -1.63
CA GLN C 222 -22.80 32.52 -2.52
C GLN C 222 -23.43 32.71 -3.91
N MET C 223 -24.58 33.37 -3.96
CA MET C 223 -25.32 33.47 -5.21
C MET C 223 -25.82 34.87 -5.60
N GLY C 224 -25.57 35.87 -4.77
CA GLY C 224 -25.96 37.23 -5.11
C GLY C 224 -27.45 37.46 -4.91
N GLU C 225 -27.81 38.69 -4.56
CA GLU C 225 -29.19 39.02 -4.21
C GLU C 225 -30.18 38.64 -5.30
N THR C 226 -29.83 38.95 -6.55
CA THR C 226 -30.70 38.72 -7.69
C THR C 226 -30.94 37.23 -7.85
N GLY C 227 -29.90 36.45 -7.57
CA GLY C 227 -29.99 35.01 -7.61
C GLY C 227 -30.76 34.46 -6.41
N VAL C 228 -30.51 35.04 -5.25
CA VAL C 228 -31.21 34.66 -4.02
C VAL C 228 -32.70 35.02 -4.08
N ALA C 229 -33.02 36.12 -4.76
CA ALA C 229 -34.41 36.53 -4.93
C ALA C 229 -35.22 35.53 -5.74
N GLY C 230 -34.54 34.60 -6.41
CA GLY C 230 -35.18 33.62 -7.26
C GLY C 230 -36.02 32.60 -6.50
N PHE C 231 -35.59 32.27 -5.28
CA PHE C 231 -36.29 31.31 -4.45
C PHE C 231 -37.59 31.91 -3.87
N THR C 232 -38.38 32.53 -4.72
CA THR C 232 -39.58 33.27 -4.30
C THR C 232 -40.53 32.46 -3.43
N ASN C 233 -40.67 31.18 -3.76
CA ASN C 233 -41.41 30.26 -2.91
C ASN C 233 -40.85 30.26 -1.50
N SER C 234 -39.65 29.70 -1.36
CA SER C 234 -39.01 29.51 -0.06
C SER C 234 -38.88 30.80 0.76
N LEU C 235 -38.58 31.91 0.08
CA LEU C 235 -38.46 33.21 0.73
C LEU C 235 -39.74 33.57 1.48
N ARG C 236 -40.86 33.43 0.78
CA ARG C 236 -42.17 33.69 1.36
C ARG C 236 -42.44 32.78 2.54
N MET C 237 -41.94 31.55 2.48
CA MET C 237 -42.15 30.59 3.55
C MET C 237 -41.44 31.01 4.82
N LEU C 238 -40.23 31.52 4.67
CA LEU C 238 -39.45 32.00 5.80
C LEU C 238 -40.07 33.24 6.42
N GLN C 239 -40.83 34.00 5.64
CA GLN C 239 -41.64 35.08 6.18
C GLN C 239 -42.71 34.48 7.10
N GLN C 240 -43.14 33.27 6.77
CA GLN C 240 -44.29 32.65 7.43
C GLN C 240 -43.94 31.72 8.59
N LYS C 241 -42.64 31.60 8.87
CA LYS C 241 -42.14 30.78 9.99
C LYS C 241 -42.37 29.28 9.86
N ARG C 242 -42.58 28.82 8.63
CA ARG C 242 -42.72 27.39 8.35
C ARG C 242 -41.35 26.81 7.97
N TRP C 243 -40.53 26.55 8.98
CA TRP C 243 -39.12 26.21 8.78
C TRP C 243 -38.88 24.94 7.95
N ASP C 244 -39.46 23.83 8.41
CA ASP C 244 -39.21 22.52 7.81
C ASP C 244 -39.51 22.48 6.32
N GLU C 245 -40.68 22.96 5.96
CA GLU C 245 -41.13 22.97 4.58
C GLU C 245 -40.17 23.77 3.72
N ALA C 246 -39.64 24.85 4.29
CA ALA C 246 -38.68 25.69 3.58
C ALA C 246 -37.41 24.91 3.28
N ALA C 247 -37.07 23.98 4.17
CA ALA C 247 -35.85 23.21 4.03
C ALA C 247 -35.87 22.31 2.81
N VAL C 248 -36.89 21.46 2.72
CA VAL C 248 -37.03 20.55 1.60
C VAL C 248 -37.04 21.34 0.31
N ASN C 249 -37.99 22.27 0.21
CA ASN C 249 -38.12 23.14 -0.97
C ASN C 249 -36.79 23.78 -1.35
N LEU C 250 -36.00 24.11 -0.33
CA LEU C 250 -34.66 24.64 -0.54
C LEU C 250 -33.70 23.54 -0.99
N ALA C 251 -33.80 22.39 -0.33
CA ALA C 251 -32.91 21.28 -0.61
C ALA C 251 -33.10 20.73 -2.02
N LYS C 252 -34.28 20.96 -2.59
CA LYS C 252 -34.59 20.45 -3.92
C LYS C 252 -33.92 21.29 -5.01
N SER C 253 -33.50 22.50 -4.66
CA SER C 253 -32.90 23.42 -5.62
C SER C 253 -31.60 22.87 -6.20
N ARG C 254 -31.14 23.47 -7.30
CA ARG C 254 -29.88 23.09 -7.91
C ARG C 254 -28.71 23.41 -7.00
N TRP C 255 -28.83 24.52 -6.28
CA TRP C 255 -27.81 25.00 -5.36
C TRP C 255 -27.32 23.91 -4.43
N TYR C 256 -28.26 23.08 -3.97
CA TYR C 256 -27.95 21.95 -3.12
C TYR C 256 -26.92 21.01 -3.77
N ASN C 257 -27.02 20.86 -5.09
CA ASN C 257 -26.17 19.93 -5.82
C ASN C 257 -24.73 20.43 -6.02
N GLN C 258 -24.58 21.70 -6.38
CA GLN C 258 -23.26 22.27 -6.57
C GLN C 258 -22.46 22.27 -5.27
N THR C 259 -23.04 22.88 -4.22
CA THR C 259 -22.41 22.91 -2.91
C THR C 259 -23.29 22.23 -1.88
N PRO C 260 -23.18 20.90 -1.76
CA PRO C 260 -23.97 20.15 -0.78
C PRO C 260 -23.63 20.56 0.64
N ASN C 261 -22.36 20.42 1.01
CA ASN C 261 -21.88 20.77 2.34
C ASN C 261 -22.35 22.15 2.82
N ARG C 262 -22.14 23.15 1.99
CA ARG C 262 -22.57 24.50 2.33
C ARG C 262 -24.08 24.57 2.52
N ALA C 263 -24.82 23.94 1.60
CA ALA C 263 -26.27 24.00 1.60
C ALA C 263 -26.91 23.38 2.83
N LYS C 264 -26.42 22.21 3.23
CA LYS C 264 -26.99 21.51 4.38
C LYS C 264 -27.00 22.43 5.59
N ARG C 265 -25.83 22.96 5.92
CA ARG C 265 -25.67 23.87 7.05
C ARG C 265 -26.56 25.11 6.93
N VAL C 266 -26.49 25.79 5.79
CA VAL C 266 -27.27 26.99 5.54
C VAL C 266 -28.77 26.71 5.68
N ILE C 267 -29.20 25.56 5.17
CA ILE C 267 -30.58 25.11 5.34
C ILE C 267 -30.84 24.72 6.79
N ALA C 268 -29.88 24.05 7.40
CA ALA C 268 -29.98 23.67 8.81
C ALA C 268 -30.09 24.88 9.73
N THR C 269 -29.28 25.91 9.45
CA THR C 269 -29.29 27.12 10.26
C THR C 269 -30.62 27.84 10.15
N PHE C 270 -31.25 27.71 8.98
CA PHE C 270 -32.60 28.21 8.78
C PHE C 270 -33.56 27.36 9.59
N ARG C 271 -33.31 26.05 9.57
CA ARG C 271 -34.20 25.08 10.18
C ARG C 271 -34.26 25.21 11.70
N THR C 272 -33.10 25.39 12.32
CA THR C 272 -33.01 25.39 13.78
C THR C 272 -32.79 26.78 14.37
N GLY C 273 -32.30 27.71 13.55
CA GLY C 273 -32.05 29.06 14.02
C GLY C 273 -30.85 29.15 14.94
N THR C 274 -29.98 28.14 14.89
CA THR C 274 -28.75 28.14 15.68
C THR C 274 -27.56 27.71 14.85
N TRP C 275 -26.39 27.72 15.47
CA TRP C 275 -25.13 27.54 14.77
C TRP C 275 -24.59 26.16 15.02
N ASP C 276 -25.34 25.36 15.76
CA ASP C 276 -24.97 23.98 16.07
C ASP C 276 -24.67 23.19 14.80
N ALA C 277 -25.11 23.70 13.64
CA ALA C 277 -24.76 23.05 12.39
C ALA C 277 -23.27 23.18 12.13
N TYR C 278 -22.67 24.25 12.66
CA TYR C 278 -21.30 24.59 12.29
C TYR C 278 -20.22 24.02 13.20
N LEU C 279 -20.46 24.04 14.50
CA LEU C 279 -19.49 23.52 15.44
C LEU C 279 -19.43 22.00 15.39
N THR C 280 -20.48 21.38 14.84
CA THR C 280 -20.50 19.94 14.62
C THR C 280 -19.70 19.58 13.36
N ASP C 281 -19.35 20.57 12.57
CA ASP C 281 -18.50 20.37 11.40
C ASP C 281 -17.04 20.39 11.85
N ARG C 282 -16.72 21.28 12.76
CA ARG C 282 -15.34 21.42 13.25
C ARG C 282 -14.99 20.39 14.32
N LEU C 283 -15.94 20.13 15.22
CA LEU C 283 -15.72 19.22 16.34
C LEU C 283 -16.34 17.85 16.10
N ARG C 284 -15.53 16.80 16.21
CA ARG C 284 -16.01 15.43 16.04
C ARG C 284 -15.57 14.53 17.19
N ALA C 285 -16.31 13.43 17.37
CA ALA C 285 -16.05 12.51 18.47
C ALA C 285 -14.63 11.96 18.45
N TRP C 286 -14.08 11.78 17.27
CA TRP C 286 -12.77 11.16 17.13
C TRP C 286 -11.65 12.06 17.64
N MET C 287 -11.86 13.37 17.55
CA MET C 287 -10.87 14.32 18.05
C MET C 287 -10.69 14.15 19.56
N PHE C 288 -11.80 14.06 20.28
CA PHE C 288 -11.78 13.96 21.74
C PHE C 288 -11.36 12.59 22.27
N ILE C 289 -11.66 11.55 21.50
CA ILE C 289 -11.25 10.21 21.87
C ILE C 289 -9.71 10.12 21.81
N CYS C 290 -9.13 10.92 20.93
CA CYS C 290 -7.67 11.01 20.83
C CYS C 290 -7.07 11.72 22.03
N ILE C 291 -7.69 12.83 22.41
CA ILE C 291 -7.17 13.66 23.49
C ILE C 291 -7.32 12.99 24.84
N GLY C 292 -8.53 12.51 25.14
CA GLY C 292 -8.84 11.96 26.44
C GLY C 292 -8.22 10.61 26.73
N TRP C 293 -8.44 9.65 25.83
CA TRP C 293 -7.93 8.30 26.04
C TRP C 293 -6.53 8.08 25.45
N GLY C 294 -6.26 8.68 24.28
CA GLY C 294 -5.04 8.38 23.55
C GLY C 294 -3.78 9.10 24.00
N VAL C 295 -3.83 10.43 24.01
CA VAL C 295 -2.69 11.27 24.35
C VAL C 295 -2.03 11.02 25.72
N PRO C 296 -2.82 10.79 26.79
CA PRO C 296 -2.13 10.58 28.07
C PRO C 296 -1.20 9.38 28.21
N PHE C 297 -1.21 8.44 27.25
CA PHE C 297 -0.37 7.24 27.33
C PHE C 297 1.14 7.51 27.13
N PRO C 298 1.53 8.24 26.08
CA PRO C 298 2.97 8.50 25.96
C PRO C 298 3.47 9.21 27.20
N ILE C 299 2.61 10.06 27.76
CA ILE C 299 2.90 10.78 28.98
C ILE C 299 3.27 9.80 30.07
N ILE C 300 2.44 8.78 30.24
CA ILE C 300 2.73 7.70 31.17
C ILE C 300 3.97 6.90 30.70
N VAL C 301 4.12 6.72 29.40
CA VAL C 301 5.30 6.02 28.86
C VAL C 301 6.57 6.75 29.17
N ALA C 302 6.55 8.05 28.93
CA ALA C 302 7.66 8.90 29.26
C ALA C 302 7.92 8.82 30.76
N TRP C 303 6.84 8.79 31.54
CA TRP C 303 6.93 8.69 32.99
C TRP C 303 7.55 7.36 33.40
N ALA C 304 7.08 6.28 32.78
CA ALA C 304 7.55 4.94 33.10
C ALA C 304 9.04 4.79 32.82
N ILE C 305 9.48 5.41 31.73
CA ILE C 305 10.90 5.44 31.43
C ILE C 305 11.61 6.24 32.52
N GLY C 306 11.04 7.40 32.86
CA GLY C 306 11.61 8.27 33.88
C GLY C 306 11.71 7.62 35.24
N LYS C 307 10.68 6.85 35.61
CA LYS C 307 10.67 6.13 36.88
C LYS C 307 11.89 5.23 37.01
N LEU C 308 12.11 4.40 36.00
CA LEU C 308 13.28 3.52 35.96
C LEU C 308 14.56 4.27 36.29
N TYR C 309 14.78 5.40 35.61
CA TYR C 309 16.04 6.12 35.74
C TYR C 309 16.25 6.81 37.08
N TYR C 310 15.20 7.44 37.62
CA TYR C 310 15.38 8.29 38.80
C TYR C 310 14.66 7.81 40.07
N ASP C 311 13.63 7.00 39.92
CA ASP C 311 12.88 6.52 41.09
C ASP C 311 12.22 5.17 40.86
N ASN C 312 12.87 4.11 41.34
CA ASN C 312 12.32 2.77 41.20
C ASN C 312 11.69 2.32 42.52
N GLU C 313 11.35 3.29 43.38
CA GLU C 313 11.05 3.02 44.78
C GLU C 313 9.56 2.80 45.11
N LYS C 314 9.29 1.73 45.87
CA LYS C 314 7.97 1.48 46.44
C LYS C 314 6.80 1.52 45.46
N CYS C 315 6.83 0.61 44.49
CA CYS C 315 5.77 0.47 43.48
C CYS C 315 5.39 1.76 42.77
N TRP C 316 6.41 2.57 42.49
CA TRP C 316 6.27 3.81 41.72
C TRP C 316 5.40 4.86 42.41
N ALA C 317 5.04 4.61 43.66
CA ALA C 317 4.22 5.53 44.42
C ALA C 317 5.07 6.31 45.42
N TYR C 324 12.59 13.75 40.99
CA TYR C 324 11.46 14.54 40.51
C TYR C 324 10.96 14.08 39.15
N THR C 325 10.40 12.88 39.11
CA THR C 325 9.84 12.33 37.88
C THR C 325 8.32 12.27 37.91
N ASP C 326 7.74 12.52 39.09
CA ASP C 326 6.29 12.62 39.21
C ASP C 326 5.78 13.88 38.53
N TYR C 327 6.69 14.81 38.29
CA TYR C 327 6.38 16.04 37.56
C TYR C 327 6.04 15.75 36.09
N ILE C 328 6.56 14.65 35.57
CA ILE C 328 6.39 14.29 34.15
C ILE C 328 4.94 14.16 33.71
N TYR C 329 4.09 13.59 34.57
CA TYR C 329 2.68 13.49 34.24
C TYR C 329 1.85 14.56 34.95
N GLN C 330 2.25 14.92 36.16
CA GLN C 330 1.54 15.95 36.92
C GLN C 330 1.69 17.32 36.25
N GLY C 331 2.81 17.49 35.55
CA GLY C 331 3.09 18.72 34.84
C GLY C 331 2.08 19.08 33.76
N PRO C 332 1.95 18.21 32.74
CA PRO C 332 0.97 18.38 31.66
C PRO C 332 -0.46 18.54 32.17
N MET C 333 -0.80 17.83 33.26
CA MET C 333 -2.11 17.96 33.88
C MET C 333 -2.33 19.41 34.28
N ALA C 334 -1.28 20.03 34.81
CA ALA C 334 -1.32 21.44 35.16
C ALA C 334 -1.34 22.32 33.91
N LEU C 335 -0.55 21.97 32.92
CA LEU C 335 -0.54 22.66 31.64
C LEU C 335 -1.94 22.70 31.03
N VAL C 336 -2.53 21.53 30.90
CA VAL C 336 -3.90 21.37 30.43
C VAL C 336 -4.87 22.22 31.25
N LEU C 337 -4.72 22.16 32.57
CA LEU C 337 -5.54 22.93 33.50
C LEU C 337 -5.45 24.42 33.20
N LEU C 338 -4.24 24.89 32.93
CA LEU C 338 -4.00 26.30 32.66
C LEU C 338 -4.72 26.77 31.41
N ILE C 339 -4.61 25.97 30.35
CA ILE C 339 -5.22 26.32 29.07
C ILE C 339 -6.73 26.45 29.21
N ASN C 340 -7.30 25.61 30.05
CA ASN C 340 -8.73 25.67 30.36
C ASN C 340 -9.08 26.97 31.08
N PHE C 341 -8.15 27.46 31.88
CA PHE C 341 -8.33 28.71 32.60
C PHE C 341 -8.26 29.88 31.64
N ILE C 342 -7.45 29.73 30.60
CA ILE C 342 -7.40 30.73 29.53
C ILE C 342 -8.71 30.70 28.77
N PHE C 343 -9.19 29.49 28.49
CA PHE C 343 -10.48 29.30 27.83
C PHE C 343 -11.56 29.99 28.64
N LEU C 344 -11.57 29.68 29.94
CA LEU C 344 -12.61 30.14 30.85
C LEU C 344 -12.70 31.66 30.92
N PHE C 345 -11.55 32.33 31.05
CA PHE C 345 -11.53 33.80 31.08
C PHE C 345 -12.08 34.39 29.78
N ASN C 346 -11.64 33.86 28.64
CA ASN C 346 -12.10 34.32 27.34
C ASN C 346 -13.62 34.24 27.25
N ILE C 347 -14.17 33.13 27.75
CA ILE C 347 -15.61 32.91 27.74
C ILE C 347 -16.36 34.01 28.48
N VAL C 348 -15.81 34.46 29.61
CA VAL C 348 -16.42 35.54 30.36
C VAL C 348 -16.32 36.85 29.58
N ARG C 349 -15.23 37.00 28.83
CA ARG C 349 -15.05 38.15 27.95
C ARG C 349 -16.15 38.20 26.89
N ILE C 350 -16.47 37.04 26.31
CA ILE C 350 -17.49 36.96 25.27
C ILE C 350 -18.90 37.09 25.82
N LEU C 351 -19.19 36.32 26.89
CA LEU C 351 -20.51 36.32 27.52
C LEU C 351 -20.91 37.72 27.99
N MET C 352 -19.94 38.49 28.46
CA MET C 352 -20.21 39.84 28.93
C MET C 352 -20.23 40.89 27.82
N THR C 353 -19.17 40.94 27.02
CA THR C 353 -18.99 42.03 26.05
C THR C 353 -19.89 41.92 24.84
N LYS C 354 -19.80 40.78 24.14
CA LYS C 354 -20.47 40.62 22.85
C LYS C 354 -21.87 40.03 22.99
N LEU C 355 -22.13 39.36 24.10
CA LEU C 355 -23.37 38.60 24.26
C LEU C 355 -24.12 38.92 25.55
N ARG C 356 -23.91 40.11 26.11
CA ARG C 356 -24.67 40.50 27.30
C ARG C 356 -26.15 40.64 26.98
N ALA C 357 -26.43 41.19 25.80
CA ALA C 357 -27.81 41.43 25.39
C ALA C 357 -28.51 40.17 24.87
N SER C 358 -27.76 39.36 24.13
CA SER C 358 -28.33 38.21 23.43
C SER C 358 -29.02 37.21 24.37
N THR C 359 -30.22 36.82 24.00
CA THR C 359 -30.91 35.73 24.70
C THR C 359 -31.47 34.75 23.68
N THR C 360 -30.65 33.75 23.36
CA THR C 360 -31.11 32.62 22.58
C THR C 360 -30.90 31.42 23.48
N SER C 361 -31.79 30.44 23.40
CA SER C 361 -31.74 29.25 24.27
C SER C 361 -30.34 28.64 24.37
N GLU C 362 -29.55 28.83 23.31
CA GLU C 362 -28.18 28.36 23.30
C GLU C 362 -27.27 29.18 24.20
N THR C 363 -27.26 30.50 24.03
CA THR C 363 -26.35 31.34 24.79
C THR C 363 -26.62 31.30 26.28
N ILE C 364 -27.87 31.09 26.65
CA ILE C 364 -28.24 30.97 28.06
C ILE C 364 -27.68 29.68 28.64
N GLN C 365 -27.80 28.60 27.88
CA GLN C 365 -27.32 27.29 28.32
C GLN C 365 -25.80 27.30 28.46
N ALA C 366 -25.17 28.27 27.81
CA ALA C 366 -23.74 28.47 27.93
C ALA C 366 -23.42 29.14 29.26
N ARG C 367 -24.28 30.08 29.65
CA ARG C 367 -24.15 30.78 30.93
C ARG C 367 -24.25 29.79 32.09
N LYS C 368 -25.19 28.87 32.00
CA LYS C 368 -25.34 27.82 32.98
C LYS C 368 -24.09 26.96 33.04
N ALA C 369 -23.53 26.65 31.87
CA ALA C 369 -22.35 25.81 31.75
C ALA C 369 -21.16 26.43 32.46
N VAL C 370 -21.03 27.74 32.33
CA VAL C 370 -19.95 28.46 32.95
C VAL C 370 -20.09 28.46 34.47
N LYS C 371 -21.29 28.79 34.95
CA LYS C 371 -21.59 28.79 36.38
C LYS C 371 -21.33 27.43 36.99
N ALA C 372 -21.70 26.38 36.26
CA ALA C 372 -21.50 25.00 36.71
C ALA C 372 -20.03 24.71 36.91
N THR C 373 -19.23 25.09 35.92
CA THR C 373 -17.80 24.90 35.97
C THR C 373 -17.21 25.72 37.11
N LEU C 374 -17.85 26.86 37.38
CA LEU C 374 -17.42 27.74 38.45
C LEU C 374 -17.70 27.16 39.83
N VAL C 375 -18.61 26.22 39.91
CA VAL C 375 -18.91 25.59 41.19
C VAL C 375 -18.00 24.40 41.35
N LEU C 376 -17.80 23.69 40.24
CA LEU C 376 -17.02 22.48 40.23
C LEU C 376 -15.56 22.80 40.45
N LEU C 377 -15.18 24.02 40.06
CA LEU C 377 -13.79 24.45 40.12
C LEU C 377 -13.22 24.49 41.55
N PRO C 378 -13.96 25.08 42.51
CA PRO C 378 -13.44 24.97 43.87
C PRO C 378 -13.38 23.53 44.37
N LEU C 379 -14.51 22.84 44.31
CA LEU C 379 -14.64 21.50 44.87
C LEU C 379 -13.56 20.55 44.39
N LEU C 380 -13.28 20.59 43.10
CA LEU C 380 -12.24 19.72 42.57
C LEU C 380 -10.86 20.31 42.77
N GLY C 381 -10.77 21.62 42.61
CA GLY C 381 -9.50 22.30 42.58
C GLY C 381 -8.79 22.48 43.91
N ILE C 382 -9.57 22.72 44.97
CA ILE C 382 -8.97 23.04 46.27
C ILE C 382 -8.21 21.87 46.88
N THR C 383 -8.60 20.65 46.52
CA THR C 383 -7.89 19.45 46.95
C THR C 383 -6.44 19.52 46.50
N TYR C 384 -6.24 19.93 45.25
CA TYR C 384 -4.91 20.00 44.65
C TYR C 384 -4.09 21.18 45.17
N MET C 385 -4.77 22.21 45.65
CA MET C 385 -4.10 23.38 46.22
C MET C 385 -3.38 23.01 47.52
N LEU C 386 -4.08 22.25 48.35
CA LEU C 386 -3.53 21.83 49.64
C LEU C 386 -2.36 20.87 49.45
N ALA C 387 -2.43 20.07 48.40
CA ALA C 387 -1.40 19.08 48.11
C ALA C 387 -0.04 19.73 47.87
N PHE C 388 -0.04 20.82 47.12
CA PHE C 388 1.19 21.56 46.84
C PHE C 388 1.20 22.90 47.59
N GLU C 395 -1.24 20.14 65.91
CA GLU C 395 -2.33 20.63 66.76
C GLU C 395 -3.66 20.00 66.37
N VAL C 396 -4.71 20.82 66.30
CA VAL C 396 -6.00 20.37 65.77
C VAL C 396 -6.21 20.97 64.37
N SER C 397 -5.36 21.93 63.99
CA SER C 397 -5.32 22.43 62.61
C SER C 397 -4.95 21.30 61.64
N ARG C 398 -4.01 20.46 62.06
CA ARG C 398 -3.59 19.31 61.26
C ARG C 398 -4.71 18.29 61.09
N VAL C 399 -5.52 18.12 62.14
CA VAL C 399 -6.67 17.22 62.12
C VAL C 399 -7.62 17.61 60.99
N VAL C 400 -8.08 18.85 61.01
CA VAL C 400 -9.00 19.38 60.00
C VAL C 400 -8.46 19.16 58.59
N PHE C 401 -7.23 19.59 58.37
CA PHE C 401 -6.57 19.49 57.08
C PHE C 401 -6.72 18.12 56.43
N ILE C 402 -6.49 17.06 57.20
CA ILE C 402 -6.55 15.69 56.68
C ILE C 402 -7.97 15.24 56.36
N TYR C 403 -8.86 15.37 57.34
CA TYR C 403 -10.23 14.93 57.21
C TYR C 403 -11.01 15.74 56.19
N PHE C 404 -10.69 17.03 56.08
CA PHE C 404 -11.33 17.88 55.09
C PHE C 404 -10.86 17.46 53.69
N ASN C 405 -9.64 16.94 53.62
CA ASN C 405 -9.07 16.54 52.35
C ASN C 405 -9.69 15.23 51.88
N ALA C 406 -10.02 14.37 52.84
CA ALA C 406 -10.62 13.08 52.58
C ALA C 406 -11.99 13.31 51.95
N PHE C 407 -12.79 14.11 52.63
CA PHE C 407 -14.14 14.36 52.15
C PHE C 407 -14.16 14.86 50.72
N LEU C 408 -13.27 15.79 50.40
CA LEU C 408 -13.22 16.39 49.08
C LEU C 408 -12.73 15.44 48.00
N GLU C 409 -11.66 14.70 48.27
CA GLU C 409 -11.10 13.82 47.23
C GLU C 409 -11.96 12.57 47.02
N SER C 410 -12.61 12.12 48.08
CA SER C 410 -13.50 10.97 48.03
C SER C 410 -14.77 11.24 47.23
N PHE C 411 -15.34 12.43 47.41
CA PHE C 411 -16.60 12.81 46.79
C PHE C 411 -16.41 13.47 45.43
N GLN C 412 -15.22 13.30 44.88
CA GLN C 412 -14.88 13.82 43.57
C GLN C 412 -15.87 13.27 42.53
N GLY C 413 -16.14 11.97 42.63
CA GLY C 413 -17.09 11.32 41.75
C GLY C 413 -18.51 11.83 41.86
N PHE C 414 -18.95 12.07 43.08
CA PHE C 414 -20.31 12.54 43.29
C PHE C 414 -20.50 13.91 42.65
N PHE C 415 -19.48 14.74 42.76
CA PHE C 415 -19.50 16.07 42.20
C PHE C 415 -19.64 16.02 40.68
N VAL C 416 -18.83 15.17 40.05
CA VAL C 416 -18.80 15.04 38.60
C VAL C 416 -20.13 14.50 38.08
N SER C 417 -20.75 13.61 38.86
CA SER C 417 -22.04 13.06 38.47
C SER C 417 -23.11 14.14 38.47
N VAL C 418 -23.17 14.89 39.57
CA VAL C 418 -24.12 16.00 39.66
C VAL C 418 -23.85 17.05 38.57
N PHE C 419 -22.59 17.41 38.42
CA PHE C 419 -22.17 18.36 37.38
C PHE C 419 -22.62 17.93 36.00
N ALA C 420 -22.43 16.66 35.66
CA ALA C 420 -22.84 16.14 34.37
C ALA C 420 -24.36 15.96 34.27
N CYS C 421 -24.99 15.44 35.33
CA CYS C 421 -26.44 15.31 35.35
C CYS C 421 -27.11 16.69 35.33
N PHE C 422 -26.43 17.68 35.89
CA PHE C 422 -26.87 19.07 35.78
C PHE C 422 -26.83 19.52 34.33
N LEU C 423 -25.80 19.10 33.60
CA LEU C 423 -25.64 19.51 32.22
C LEU C 423 -26.78 19.01 31.34
N ASN C 424 -27.52 18.01 31.80
CA ASN C 424 -28.74 17.62 31.09
C ASN C 424 -29.90 18.58 31.32
N SER C 425 -29.84 19.36 32.41
CA SER C 425 -30.82 20.42 32.66
C SER C 425 -30.60 21.60 31.74
N GLU C 426 -29.35 21.73 31.29
CA GLU C 426 -28.96 22.76 30.32
C GLU C 426 -29.57 22.48 28.93
N VAL C 427 -29.55 21.21 28.53
CA VAL C 427 -30.25 20.73 27.33
C VAL C 427 -30.47 19.21 27.32
#